data_6LSA
#
_entry.id   6LSA
#
_cell.length_a   180.871
_cell.length_b   64.234
_cell.length_c   102.931
_cell.angle_alpha   90.000
_cell.angle_beta   91.780
_cell.angle_gamma   90.000
#
_symmetry.space_group_name_H-M   'C 1 2 1'
#
loop_
_entity.id
_entity.type
_entity.pdbx_description
1 polymer 'Nectin cell adhesion molecule 1'
2 polymer 'Envelope glycoprotein D'
3 branched 2-acetamido-2-deoxy-beta-D-glucopyranose-(1-4)-2-acetamido-2-deoxy-beta-D-glucopyranose
4 non-polymer 2-acetamido-2-deoxy-beta-D-glucopyranose
5 water water
#
loop_
_entity_poly.entity_id
_entity_poly.type
_entity_poly.pdbx_seq_one_letter_code
_entity_poly.pdbx_strand_id
1 'polypeptide(L)'
;DSMYGFIGTDVVLHCSFANPLPGVKITQVTWQKATNGSKQNVAIYNPAMGVSVLAPYRERVEFLRPSFTDGTIRLSRLEL
EDEGVYICEFATFPAGNRESQLNLTVMAK
;
A,B
2 'polypeptide(L)'
;ADEFLPTPAPRVTVYVDPPAYPMPRYNYTERWHTTGPIPSPFADGREQPVEVRYATSAAACDMLALIADPQVGRTLWEAV
RRHARAYNATVIWYKIESGCARPLYYMEYTECEPRKHFGYCRYRTPPFWDSFLAGFAYPTDDELGLIMAAPARLVEGQYR
RALYIDGTVAYTDFMVSLPAGDCWFSKLGAARGYTFGACFPARDYEQKKVLRLTYLTQYYPQEAHKAIVDYWFMRHGGVV
PPYFEESKGYEPPPAADGGSPAPPGDDEAREDEGETEDGAAGREGNGGPPGPEGDGESQTPEANGHHHHHH
;
F,C
#
# COMPACT_ATOMS: atom_id res chain seq x y z
N ASP A 1 -8.24 15.30 -25.60
CA ASP A 1 -9.67 15.59 -25.61
C ASP A 1 -9.91 17.10 -25.72
N SER A 2 -11.02 17.47 -26.38
CA SER A 2 -11.31 18.87 -26.66
C SER A 2 -12.76 19.18 -26.34
N MET A 3 -12.99 20.37 -25.81
CA MET A 3 -14.34 20.84 -25.56
C MET A 3 -14.53 22.22 -26.15
N TYR A 4 -15.78 22.54 -26.44
CA TYR A 4 -16.16 23.79 -27.05
C TYR A 4 -17.40 24.29 -26.32
N GLY A 5 -17.43 25.59 -26.05
CA GLY A 5 -18.56 26.20 -25.37
C GLY A 5 -18.59 27.65 -25.75
N PHE A 6 -19.79 28.22 -25.82
CA PHE A 6 -19.91 29.61 -26.20
C PHE A 6 -19.87 30.50 -24.96
N ILE A 7 -19.43 31.73 -25.18
CA ILE A 7 -19.40 32.71 -24.10
C ILE A 7 -20.73 32.79 -23.40
N GLY A 8 -20.67 32.99 -22.10
CA GLY A 8 -21.86 33.08 -21.29
C GLY A 8 -22.39 31.76 -20.81
N THR A 9 -21.95 30.64 -21.39
CA THR A 9 -22.53 29.34 -21.06
C THR A 9 -21.86 28.76 -19.82
N ASP A 10 -22.45 27.67 -19.34
CA ASP A 10 -21.87 26.81 -18.32
C ASP A 10 -21.32 25.57 -19.01
N VAL A 11 -20.27 24.98 -18.43
CA VAL A 11 -19.65 23.80 -19.03
C VAL A 11 -19.13 22.91 -17.91
N VAL A 12 -19.14 21.60 -18.17
CA VAL A 12 -18.83 20.57 -17.19
C VAL A 12 -17.54 19.88 -17.62
N LEU A 13 -16.49 20.02 -16.82
CA LEU A 13 -15.19 19.40 -17.08
C LEU A 13 -15.10 18.10 -16.29
N HIS A 14 -14.97 16.99 -17.00
CA HIS A 14 -14.99 15.67 -16.38
C HIS A 14 -13.62 15.26 -15.89
N CYS A 15 -13.56 14.67 -14.70
CA CYS A 15 -12.33 14.11 -14.18
C CYS A 15 -12.68 13.03 -13.17
N SER A 16 -12.28 11.79 -13.47
CA SER A 16 -12.47 10.68 -12.56
C SER A 16 -11.22 9.80 -12.57
N PHE A 17 -10.99 9.14 -11.44
CA PHE A 17 -9.89 8.19 -11.29
C PHE A 17 -10.48 6.78 -11.35
N ALA A 18 -10.12 6.03 -12.37
CA ALA A 18 -10.47 4.60 -12.47
C ALA A 18 -9.29 3.87 -13.10
N ASN A 19 -9.10 2.57 -12.82
CA ASN A 19 -9.63 1.87 -11.65
C ASN A 19 -8.57 2.14 -10.59
N PRO A 20 -8.95 2.63 -9.41
CA PRO A 20 -7.91 2.86 -8.39
C PRO A 20 -7.16 1.57 -8.09
N LEU A 21 -5.85 1.61 -8.26
CA LEU A 21 -5.03 0.44 -8.03
C LEU A 21 -5.21 -0.04 -6.58
N PRO A 22 -5.18 -1.34 -6.32
CA PRO A 22 -5.20 -1.78 -4.91
C PRO A 22 -3.90 -1.37 -4.25
N GLY A 23 -3.99 -0.92 -3.00
CA GLY A 23 -2.83 -0.40 -2.33
C GLY A 23 -2.48 1.04 -2.63
N VAL A 24 -3.26 1.75 -3.44
CA VAL A 24 -2.96 3.15 -3.74
C VAL A 24 -3.92 4.04 -2.95
N LYS A 25 -3.36 4.92 -2.14
CA LYS A 25 -4.13 5.87 -1.35
C LYS A 25 -4.27 7.17 -2.12
N ILE A 26 -5.49 7.72 -2.18
CA ILE A 26 -5.75 8.99 -2.85
C ILE A 26 -5.96 10.07 -1.79
N THR A 27 -5.36 11.22 -2.02
CA THR A 27 -5.24 12.33 -1.07
C THR A 27 -5.99 13.58 -1.48
N GLN A 28 -5.95 13.99 -2.75
CA GLN A 28 -6.75 15.12 -3.19
C GLN A 28 -6.76 15.18 -4.72
N VAL A 29 -7.70 15.97 -5.24
CA VAL A 29 -7.84 16.25 -6.67
C VAL A 29 -7.63 17.74 -6.89
N THR A 30 -7.02 18.09 -8.01
CA THR A 30 -6.71 19.49 -8.32
C THR A 30 -6.89 19.76 -9.80
N TRP A 31 -7.56 20.86 -10.12
CA TRP A 31 -7.66 21.38 -11.48
C TRP A 31 -6.66 22.51 -11.65
N GLN A 32 -5.94 22.50 -12.77
CA GLN A 32 -5.02 23.55 -13.16
C GLN A 32 -5.34 24.02 -14.58
N LYS A 33 -5.07 25.29 -14.86
CA LYS A 33 -5.18 25.84 -16.20
C LYS A 33 -3.80 26.27 -16.68
N ALA A 34 -3.40 25.83 -17.87
CA ALA A 34 -2.07 26.11 -18.41
C ALA A 34 -2.09 27.25 -19.40
N THR A 35 -1.06 28.13 -19.36
CA THR A 35 -1.02 29.39 -20.09
C THR A 35 -0.12 29.35 -21.32
N ASN A 36 1.19 29.38 -21.13
CA ASN A 36 2.19 29.55 -22.17
C ASN A 36 3.58 28.93 -21.89
N GLY A 37 3.70 27.79 -21.19
CA GLY A 37 2.72 27.17 -20.31
C GLY A 37 3.25 27.31 -18.89
N SER A 38 2.38 27.73 -17.97
CA SER A 38 2.79 28.14 -16.62
C SER A 38 1.51 27.98 -15.78
N LYS A 39 1.35 26.77 -15.27
CA LYS A 39 0.12 26.33 -14.63
C LYS A 39 -0.26 27.24 -13.47
N GLN A 40 -1.56 27.45 -13.31
CA GLN A 40 -2.16 28.04 -12.12
C GLN A 40 -3.28 27.12 -11.63
N ASN A 41 -3.44 27.04 -10.32
CA ASN A 41 -4.51 26.21 -9.76
C ASN A 41 -5.86 26.88 -9.98
N VAL A 42 -6.86 26.07 -10.31
CA VAL A 42 -8.24 26.52 -10.46
C VAL A 42 -9.07 26.17 -9.24
N ALA A 43 -9.09 24.89 -8.85
CA ALA A 43 -9.82 24.44 -7.68
C ALA A 43 -9.17 23.18 -7.12
N ILE A 44 -9.26 23.04 -5.80
CA ILE A 44 -8.64 21.93 -5.08
C ILE A 44 -9.74 21.26 -4.28
N TYR A 45 -9.78 19.93 -4.32
CA TYR A 45 -10.66 19.16 -3.45
C TYR A 45 -9.83 18.16 -2.65
N ASN A 46 -9.79 18.37 -1.35
CA ASN A 46 -9.15 17.47 -0.40
C ASN A 46 -10.25 16.83 0.43
N PRO A 47 -10.49 15.51 0.32
CA PRO A 47 -11.60 14.90 1.06
C PRO A 47 -11.55 15.15 2.56
N ALA A 48 -10.35 15.22 3.13
CA ALA A 48 -10.23 15.41 4.58
C ALA A 48 -10.40 16.88 4.98
N MET A 49 -9.92 17.80 4.14
CA MET A 49 -9.83 19.20 4.51
C MET A 49 -10.78 20.10 3.75
N GLY A 50 -11.39 19.64 2.68
CA GLY A 50 -12.42 20.42 2.01
C GLY A 50 -11.95 21.00 0.69
N VAL A 51 -12.77 21.93 0.18
CA VAL A 51 -12.62 22.49 -1.15
C VAL A 51 -12.00 23.87 -1.06
N SER A 52 -11.29 24.26 -2.11
CA SER A 52 -10.80 25.62 -2.27
C SER A 52 -10.83 25.99 -3.75
N VAL A 53 -11.49 27.10 -4.06
CA VAL A 53 -11.54 27.67 -5.41
C VAL A 53 -10.68 28.92 -5.42
N LEU A 54 -9.86 29.07 -6.46
CA LEU A 54 -8.94 30.19 -6.55
C LEU A 54 -9.46 31.28 -7.48
N ALA A 55 -9.23 32.53 -7.07
CA ALA A 55 -9.46 33.67 -7.95
C ALA A 55 -8.73 33.43 -9.26
N PRO A 56 -9.35 33.78 -10.39
CA PRO A 56 -10.60 34.54 -10.57
C PRO A 56 -11.89 33.69 -10.63
N TYR A 57 -11.85 32.43 -10.21
CA TYR A 57 -12.96 31.50 -10.42
C TYR A 57 -13.90 31.40 -9.24
N ARG A 58 -13.76 32.27 -8.23
CA ARG A 58 -14.24 31.89 -6.91
C ARG A 58 -15.76 31.75 -6.84
N GLU A 59 -16.52 32.40 -7.70
CA GLU A 59 -17.92 32.03 -7.68
C GLU A 59 -18.33 31.14 -8.86
N ARG A 60 -17.48 31.02 -9.89
CA ARG A 60 -17.86 30.37 -11.13
C ARG A 60 -17.48 28.89 -11.24
N VAL A 61 -16.89 28.29 -10.21
CA VAL A 61 -16.48 26.89 -10.29
C VAL A 61 -16.99 26.14 -9.06
N GLU A 62 -17.53 24.96 -9.29
CA GLU A 62 -18.11 24.13 -8.24
C GLU A 62 -17.86 22.68 -8.56
N PHE A 63 -17.44 21.91 -7.56
CA PHE A 63 -17.34 20.47 -7.69
C PHE A 63 -18.74 19.86 -7.64
N LEU A 64 -19.06 19.02 -8.62
CA LEU A 64 -20.40 18.47 -8.74
C LEU A 64 -20.63 17.34 -7.73
N ARG A 65 -19.80 16.31 -7.78
CA ARG A 65 -19.91 15.15 -6.90
C ARG A 65 -18.51 14.84 -6.37
N PRO A 66 -17.95 15.73 -5.54
CA PRO A 66 -16.54 15.57 -5.16
C PRO A 66 -16.32 14.38 -4.24
N SER A 67 -15.21 13.67 -4.47
CA SER A 67 -14.86 12.47 -3.71
C SER A 67 -13.41 12.14 -4.00
N PHE A 68 -12.94 11.03 -3.43
CA PHE A 68 -11.58 10.57 -3.66
C PHE A 68 -11.32 10.33 -5.15
N THR A 69 -12.33 9.91 -5.90
CA THR A 69 -12.14 9.49 -7.29
C THR A 69 -12.87 10.38 -8.30
N ASP A 70 -13.45 11.49 -7.87
CA ASP A 70 -14.19 12.36 -8.79
C ASP A 70 -13.86 13.82 -8.51
N GLY A 71 -13.36 14.52 -9.53
CA GLY A 71 -13.08 15.95 -9.41
C GLY A 71 -13.81 16.77 -10.46
N THR A 72 -14.91 16.25 -10.98
CA THR A 72 -15.66 16.92 -12.03
C THR A 72 -16.21 18.26 -11.54
N ILE A 73 -16.00 19.31 -12.32
CA ILE A 73 -16.44 20.66 -11.97
C ILE A 73 -17.35 21.20 -13.07
N ARG A 74 -18.17 22.18 -12.69
CA ARG A 74 -18.90 23.01 -13.64
C ARG A 74 -18.28 24.40 -13.65
N LEU A 75 -17.78 24.82 -14.82
CA LEU A 75 -17.21 26.14 -15.04
C LEU A 75 -18.31 27.01 -15.64
N SER A 76 -18.76 28.02 -14.89
CA SER A 76 -19.94 28.80 -15.26
C SER A 76 -19.57 30.12 -15.92
N ARG A 77 -20.51 30.61 -16.73
CA ARG A 77 -20.45 31.93 -17.36
C ARG A 77 -19.10 32.17 -18.03
N LEU A 78 -18.79 31.24 -18.95
CA LEU A 78 -17.54 31.23 -19.71
C LEU A 78 -17.15 32.62 -20.20
N GLU A 79 -15.84 32.86 -20.21
CA GLU A 79 -15.24 34.05 -20.79
C GLU A 79 -14.19 33.61 -21.81
N LEU A 80 -13.82 34.53 -22.71
CA LEU A 80 -12.77 34.19 -23.68
C LEU A 80 -11.52 33.72 -22.99
N GLU A 81 -11.10 34.42 -21.94
CA GLU A 81 -9.85 34.09 -21.28
C GLU A 81 -9.87 32.71 -20.62
N ASP A 82 -11.04 32.09 -20.49
CA ASP A 82 -11.09 30.72 -19.98
C ASP A 82 -10.56 29.69 -20.97
N GLU A 83 -10.25 30.09 -22.20
CA GLU A 83 -9.72 29.16 -23.19
C GLU A 83 -8.35 28.63 -22.77
N GLY A 84 -8.12 27.35 -22.98
CA GLY A 84 -6.81 26.78 -22.78
C GLY A 84 -6.89 25.35 -22.30
N VAL A 85 -5.73 24.82 -21.91
CA VAL A 85 -5.59 23.45 -21.43
C VAL A 85 -5.90 23.41 -19.94
N TYR A 86 -6.74 22.46 -19.54
CA TYR A 86 -7.07 22.22 -18.16
C TYR A 86 -6.57 20.85 -17.74
N ILE A 87 -5.90 20.79 -16.59
CA ILE A 87 -5.26 19.57 -16.12
C ILE A 87 -5.85 19.16 -14.77
N CYS A 88 -6.24 17.89 -14.67
CA CYS A 88 -6.80 17.34 -13.44
C CYS A 88 -5.80 16.34 -12.86
N GLU A 89 -5.39 16.57 -11.62
CA GLU A 89 -4.32 15.81 -11.00
C GLU A 89 -4.80 15.19 -9.70
N PHE A 90 -4.66 13.88 -9.56
CA PHE A 90 -4.87 13.17 -8.31
C PHE A 90 -3.53 12.95 -7.62
N ALA A 91 -3.42 13.39 -6.37
CA ALA A 91 -2.25 13.10 -5.56
C ALA A 91 -2.45 11.75 -4.91
N THR A 92 -1.52 10.82 -5.15
CA THR A 92 -1.63 9.50 -4.55
C THR A 92 -0.33 9.10 -3.88
N PHE A 93 -0.46 8.17 -2.94
CA PHE A 93 0.66 7.57 -2.25
C PHE A 93 0.46 6.04 -2.32
N PRO A 94 1.54 5.26 -2.55
CA PRO A 94 2.96 5.62 -2.66
C PRO A 94 3.43 5.93 -4.08
N ALA A 95 2.50 5.96 -5.04
CA ALA A 95 2.84 5.92 -6.45
C ALA A 95 2.87 7.29 -7.13
N GLY A 96 2.61 8.36 -6.42
CA GLY A 96 2.68 9.67 -7.07
C GLY A 96 1.44 10.01 -7.89
N ASN A 97 1.55 11.07 -8.67
CA ASN A 97 0.37 11.73 -9.19
C ASN A 97 0.00 11.26 -10.59
N ARG A 98 -1.30 11.39 -10.87
CA ARG A 98 -1.95 10.83 -12.05
C ARG A 98 -2.75 11.97 -12.66
N GLU A 99 -2.56 12.23 -13.97
CA GLU A 99 -3.24 13.38 -14.54
C GLU A 99 -3.98 13.03 -15.82
N SER A 100 -4.79 13.99 -16.25
CA SER A 100 -5.55 13.96 -17.49
C SER A 100 -5.71 15.41 -17.92
N GLN A 101 -5.79 15.62 -19.24
CA GLN A 101 -5.87 16.97 -19.79
C GLN A 101 -7.11 17.10 -20.66
N LEU A 102 -7.48 18.35 -20.92
CA LEU A 102 -8.53 18.63 -21.90
C LEU A 102 -8.35 20.06 -22.41
N ASN A 103 -8.34 20.21 -23.73
CA ASN A 103 -8.32 21.53 -24.34
C ASN A 103 -9.74 22.08 -24.33
N LEU A 104 -9.94 23.26 -23.74
CA LEU A 104 -11.22 23.95 -23.84
C LEU A 104 -11.08 25.12 -24.79
N THR A 105 -12.05 25.25 -25.70
CA THR A 105 -12.12 26.37 -26.63
C THR A 105 -13.44 27.09 -26.42
N VAL A 106 -13.36 28.41 -26.23
CA VAL A 106 -14.54 29.25 -26.03
C VAL A 106 -14.75 30.06 -27.30
N MET A 107 -15.99 30.10 -27.76
CA MET A 107 -16.37 30.59 -29.06
C MET A 107 -17.13 31.90 -28.95
N ALA A 108 -17.10 32.70 -30.02
CA ALA A 108 -17.96 33.86 -30.08
C ALA A 108 -19.36 33.45 -30.54
N LYS A 109 -20.35 34.28 -30.23
CA LYS A 109 -21.72 33.92 -30.53
C LYS A 109 -22.29 34.79 -31.65
N PRO B 10 21.46 -0.39 -16.03
CA PRO B 10 20.32 -0.07 -16.90
C PRO B 10 19.69 -1.34 -17.45
N ARG B 11 18.43 -1.35 -17.91
CA ARG B 11 17.42 -0.28 -17.81
C ARG B 11 16.09 -0.88 -17.35
N VAL B 12 15.97 -1.33 -16.11
CA VAL B 12 14.79 -2.10 -15.71
C VAL B 12 14.32 -1.70 -14.32
N THR B 13 13.00 -1.77 -14.14
CA THR B 13 12.40 -1.66 -12.82
C THR B 13 12.66 -2.93 -12.01
N VAL B 14 12.68 -2.78 -10.68
CA VAL B 14 12.81 -3.92 -9.78
C VAL B 14 11.80 -3.77 -8.66
N TYR B 15 11.56 -4.87 -7.95
CA TYR B 15 10.56 -4.90 -6.89
C TYR B 15 11.11 -4.32 -5.60
N VAL B 16 10.27 -3.53 -4.93
CA VAL B 16 10.60 -2.90 -3.65
C VAL B 16 9.38 -3.02 -2.76
N ASP B 17 9.59 -3.41 -1.52
CA ASP B 17 8.53 -3.38 -0.52
C ASP B 17 7.85 -2.01 -0.54
N PRO B 18 6.52 -1.95 -0.64
CA PRO B 18 5.84 -0.66 -0.56
C PRO B 18 6.03 -0.02 0.80
N PRO B 19 6.29 1.29 0.85
CA PRO B 19 6.41 1.93 2.17
C PRO B 19 5.05 2.18 2.77
N ALA B 20 4.97 2.02 4.08
CA ALA B 20 3.80 2.48 4.82
C ALA B 20 3.73 4.01 4.76
N TYR B 21 2.50 4.52 4.83
CA TYR B 21 2.33 5.95 5.02
C TYR B 21 2.76 6.30 6.44
N PRO B 22 3.83 7.06 6.63
CA PRO B 22 4.32 7.32 7.99
C PRO B 22 3.46 8.31 8.75
N MET B 23 3.31 8.05 10.04
CA MET B 23 2.59 8.96 10.91
C MET B 23 3.42 10.21 11.15
N PRO B 24 2.77 11.32 11.51
CA PRO B 24 3.52 12.55 11.83
C PRO B 24 4.47 12.30 13.00
N ARG B 25 5.64 12.94 12.98
CA ARG B 25 6.60 12.69 14.07
C ARG B 25 6.06 13.14 15.40
N TYR B 26 5.28 14.20 15.41
CA TYR B 26 4.78 14.74 16.65
C TYR B 26 3.38 15.27 16.39
N ASN B 27 2.79 15.82 17.43
CA ASN B 27 1.39 16.23 17.43
C ASN B 27 1.29 17.70 17.03
N TYR B 28 0.63 18.00 15.90
CA TYR B 28 0.42 19.38 15.49
C TYR B 28 -0.85 19.50 14.67
N THR B 29 -1.28 20.72 14.45
CA THR B 29 -2.44 21.02 13.61
C THR B 29 -1.94 21.53 12.26
N GLU B 30 -2.48 20.96 11.18
CA GLU B 30 -2.08 21.30 9.82
C GLU B 30 -3.10 22.26 9.22
N ARG B 31 -2.63 23.44 8.77
CA ARG B 31 -3.50 24.49 8.27
C ARG B 31 -3.61 24.39 6.76
N TRP B 32 -4.81 24.07 6.27
CA TRP B 32 -5.00 23.79 4.85
C TRP B 32 -5.63 24.95 4.10
N HIS B 33 -5.31 25.01 2.80
CA HIS B 33 -5.87 25.98 1.87
C HIS B 33 -5.59 27.42 2.28
N THR B 34 -4.45 27.66 2.92
CA THR B 34 -3.99 29.03 3.16
C THR B 34 -3.27 29.57 1.93
N THR B 35 -3.16 30.89 1.85
CA THR B 35 -2.45 31.54 0.78
C THR B 35 -1.74 32.77 1.35
N GLY B 36 -0.91 33.37 0.50
CA GLY B 36 -0.14 34.55 0.86
C GLY B 36 0.86 34.85 -0.22
N PRO B 37 1.24 36.11 -0.36
CA PRO B 37 2.25 36.47 -1.37
C PRO B 37 3.62 35.96 -0.93
N ILE B 38 4.24 35.18 -1.79
CA ILE B 38 5.64 34.78 -1.55
C ILE B 38 6.53 36.01 -1.72
N PRO B 39 7.43 36.30 -0.78
CA PRO B 39 8.26 37.50 -0.91
C PRO B 39 9.36 37.30 -1.95
N SER B 40 9.85 38.44 -2.44
CA SER B 40 10.92 38.43 -3.42
C SER B 40 12.15 37.71 -2.87
N PRO B 41 12.84 36.91 -3.68
CA PRO B 41 14.13 36.35 -3.29
C PRO B 41 15.30 37.26 -3.58
N PHE B 42 15.04 38.46 -4.08
CA PHE B 42 16.10 39.38 -4.50
C PHE B 42 16.34 40.41 -3.42
N ALA B 43 17.59 40.50 -2.96
CA ALA B 43 17.99 41.53 -2.04
C ALA B 43 18.52 42.73 -2.79
N ASP B 44 18.32 43.91 -2.19
CA ASP B 44 18.97 45.16 -2.56
C ASP B 44 20.43 44.93 -2.94
N GLY B 45 20.86 45.55 -4.04
CA GLY B 45 22.23 45.39 -4.52
C GLY B 45 23.28 45.91 -3.55
N ARG B 46 22.90 46.77 -2.60
CA ARG B 46 23.86 47.33 -1.66
C ARG B 46 24.43 46.27 -0.72
N GLU B 47 23.67 45.19 -0.50
CA GLU B 47 24.08 44.25 0.53
C GLU B 47 25.15 43.30 0.02
N GLN B 48 25.92 42.75 0.95
CA GLN B 48 26.97 41.79 0.62
C GLN B 48 26.38 40.59 -0.11
N PRO B 49 27.21 39.87 -0.87
CA PRO B 49 26.67 38.77 -1.68
C PRO B 49 26.08 37.69 -0.78
N VAL B 50 25.04 37.00 -1.26
CA VAL B 50 24.54 35.89 -0.48
C VAL B 50 25.53 34.73 -0.61
N GLU B 51 25.72 34.00 0.49
CA GLU B 51 26.62 32.86 0.52
C GLU B 51 26.27 31.84 -0.56
N VAL B 52 27.28 31.22 -1.14
CA VAL B 52 27.13 30.29 -2.25
C VAL B 52 27.75 28.96 -1.87
N ARG B 53 27.00 27.88 -2.10
CA ARG B 53 27.50 26.52 -2.00
C ARG B 53 27.36 25.83 -3.35
N TYR B 54 28.07 24.72 -3.52
CA TYR B 54 28.12 24.00 -4.78
C TYR B 54 27.68 22.56 -4.57
N ALA B 55 26.80 22.07 -5.45
CA ALA B 55 26.28 20.72 -5.38
C ALA B 55 26.41 20.08 -6.76
N THR B 56 27.03 18.90 -6.80
CA THR B 56 27.18 18.19 -8.07
C THR B 56 27.21 16.69 -7.80
N SER B 57 26.96 15.93 -8.86
CA SER B 57 26.89 14.47 -8.79
C SER B 57 28.05 13.85 -9.57
N ALA B 58 28.61 12.79 -9.02
CA ALA B 58 29.61 12.01 -9.74
C ALA B 58 28.98 11.12 -10.79
N ALA B 59 27.68 10.85 -10.71
CA ALA B 59 27.01 9.94 -11.62
C ALA B 59 25.54 10.35 -11.76
N ALA B 60 24.99 10.12 -12.96
CA ALA B 60 23.68 10.68 -13.31
C ALA B 60 22.54 10.13 -12.47
N CYS B 61 22.66 8.91 -11.95
CA CYS B 61 21.58 8.33 -11.16
C CYS B 61 21.84 8.42 -9.65
N ASP B 62 22.77 9.28 -9.24
CA ASP B 62 22.97 9.52 -7.82
C ASP B 62 21.85 10.39 -7.27
N MET B 63 21.71 10.35 -5.95
CA MET B 63 21.03 11.41 -5.25
C MET B 63 22.01 12.54 -4.98
N LEU B 64 21.48 13.74 -4.87
CA LEU B 64 22.27 14.95 -4.76
C LEU B 64 21.63 15.80 -3.67
N ALA B 65 22.42 16.21 -2.69
CA ALA B 65 21.90 16.98 -1.56
C ALA B 65 22.28 18.45 -1.69
N LEU B 66 21.37 19.32 -1.28
CA LEU B 66 21.64 20.75 -1.09
C LEU B 66 21.55 20.99 0.42
N ILE B 67 22.69 20.96 1.10
CA ILE B 67 22.73 21.06 2.55
C ILE B 67 23.73 22.13 2.94
N ALA B 68 23.29 23.04 3.83
CA ALA B 68 24.17 24.05 4.41
C ALA B 68 23.59 24.36 5.79
N ASP B 69 24.23 23.83 6.82
CA ASP B 69 23.80 23.98 8.19
C ASP B 69 23.64 25.47 8.49
N PRO B 70 22.43 25.96 8.79
CA PRO B 70 22.24 27.37 9.12
C PRO B 70 22.34 27.70 10.61
N GLN B 71 22.86 26.80 11.43
CA GLN B 71 23.03 27.03 12.88
C GLN B 71 21.74 27.55 13.50
N VAL B 72 20.64 26.85 13.20
CA VAL B 72 19.35 27.31 13.69
C VAL B 72 19.24 27.16 15.20
N GLY B 73 20.04 26.28 15.81
CA GLY B 73 19.97 26.12 17.25
C GLY B 73 20.39 27.37 18.00
N ARG B 74 21.39 28.07 17.49
CA ARG B 74 21.81 29.31 18.12
C ARG B 74 20.69 30.33 18.08
N THR B 75 20.02 30.47 16.94
CA THR B 75 18.87 31.37 16.83
C THR B 75 17.81 31.01 17.85
N LEU B 76 17.50 29.73 18.00
CA LEU B 76 16.53 29.33 19.01
C LEU B 76 17.07 29.54 20.44
N TRP B 77 18.37 29.24 20.72
CA TRP B 77 18.95 29.55 22.04
C TRP B 77 18.78 31.03 22.35
N GLU B 78 18.96 31.90 21.35
CA GLU B 78 18.79 33.33 21.62
C GLU B 78 17.36 33.67 22.01
N ALA B 79 16.36 32.99 21.42
CA ALA B 79 14.97 33.24 21.81
C ALA B 79 14.72 32.80 23.25
N VAL B 80 15.32 31.68 23.66
CA VAL B 80 15.16 31.24 25.04
C VAL B 80 15.77 32.24 26.00
N ARG B 81 16.92 32.80 25.65
CA ARG B 81 17.45 33.73 26.60
C ARG B 81 16.69 35.06 26.65
N ARG B 82 15.96 35.39 25.58
CA ARG B 82 15.00 36.49 25.69
C ARG B 82 13.72 36.06 26.39
N HIS B 83 13.69 34.84 26.93
CA HIS B 83 12.49 34.30 27.56
C HIS B 83 11.28 34.40 26.63
N ALA B 84 11.52 34.18 25.33
CA ALA B 84 10.40 34.15 24.39
C ALA B 84 9.59 32.88 24.59
N ARG B 85 8.26 33.02 24.52
CA ARG B 85 7.38 31.86 24.62
C ARG B 85 7.44 31.01 23.35
N ALA B 86 7.41 31.66 22.18
CA ALA B 86 7.36 30.92 20.92
C ALA B 86 8.08 31.71 19.84
N TYR B 87 8.36 31.04 18.73
CA TYR B 87 8.88 31.68 17.54
C TYR B 87 8.11 31.19 16.33
N ASN B 88 8.13 31.98 15.26
CA ASN B 88 7.59 31.55 13.98
C ASN B 88 8.74 31.35 13.01
N ALA B 89 8.48 30.57 11.96
CA ALA B 89 9.51 30.35 10.93
C ALA B 89 8.84 30.10 9.59
N THR B 90 9.59 30.39 8.52
CA THR B 90 9.17 30.10 7.16
C THR B 90 10.39 29.66 6.39
N VAL B 91 10.21 28.62 5.56
CA VAL B 91 11.26 28.07 4.72
C VAL B 91 10.81 28.16 3.28
N ILE B 92 11.63 28.79 2.44
CA ILE B 92 11.29 29.04 1.05
C ILE B 92 12.49 28.70 0.18
N TRP B 93 12.22 28.08 -0.97
CA TRP B 93 13.23 27.83 -1.99
C TRP B 93 12.77 28.44 -3.31
N TYR B 94 13.77 28.81 -4.12
CA TYR B 94 13.56 29.44 -5.41
C TYR B 94 14.63 28.95 -6.39
N LYS B 95 14.25 28.82 -7.65
CA LYS B 95 15.22 28.71 -8.74
C LYS B 95 15.45 30.09 -9.34
N ILE B 96 16.68 30.58 -9.26
CA ILE B 96 17.03 31.93 -9.72
C ILE B 96 17.51 31.86 -11.17
N GLU B 97 16.88 32.63 -12.04
CA GLU B 97 17.30 32.75 -13.43
C GLU B 97 17.44 34.25 -13.75
N SER B 98 17.89 34.56 -14.96
CA SER B 98 18.21 35.95 -15.31
C SER B 98 16.97 36.83 -15.19
N GLY B 99 16.96 37.73 -14.22
CA GLY B 99 15.86 38.66 -14.02
C GLY B 99 14.61 38.09 -13.39
N CYS B 100 14.57 36.81 -13.01
CA CYS B 100 13.34 36.21 -12.52
C CYS B 100 13.66 35.01 -11.64
N ALA B 101 12.65 34.57 -10.90
CA ALA B 101 12.79 33.41 -10.01
C ALA B 101 11.51 32.58 -10.03
N ARG B 102 11.67 31.26 -10.08
CA ARG B 102 10.54 30.35 -9.95
C ARG B 102 10.40 29.93 -8.48
N PRO B 103 9.23 30.05 -7.87
CA PRO B 103 9.07 29.58 -6.49
C PRO B 103 8.97 28.06 -6.49
N LEU B 104 9.76 27.41 -5.63
CA LEU B 104 9.86 25.96 -5.59
C LEU B 104 9.23 25.33 -4.35
N TYR B 105 9.19 26.05 -3.23
CA TYR B 105 8.87 25.44 -1.95
C TYR B 105 8.51 26.51 -0.95
N TYR B 106 7.46 26.25 -0.16
CA TYR B 106 7.05 27.16 0.89
C TYR B 106 6.44 26.36 2.02
N MET B 107 6.97 26.57 3.22
CA MET B 107 6.54 25.86 4.43
C MET B 107 6.50 26.87 5.56
N GLU B 108 5.37 26.96 6.26
CA GLU B 108 5.18 27.93 7.32
C GLU B 108 4.99 27.23 8.65
N TYR B 109 5.80 27.62 9.64
CA TYR B 109 5.76 27.08 10.99
C TYR B 109 5.29 28.18 11.94
N THR B 110 4.26 27.91 12.75
CA THR B 110 3.77 28.92 13.67
C THR B 110 3.62 28.37 15.09
N GLU B 111 3.98 29.22 16.05
CA GLU B 111 3.97 28.92 17.49
C GLU B 111 4.78 27.66 17.80
N CYS B 112 6.10 27.85 17.71
CA CYS B 112 7.08 26.81 17.88
C CYS B 112 7.82 27.01 19.20
N GLU B 113 8.37 25.91 19.70
CA GLU B 113 8.94 25.87 21.03
C GLU B 113 10.44 26.08 20.92
N PRO B 114 10.98 27.23 21.35
CA PRO B 114 12.42 27.49 21.14
C PRO B 114 13.33 26.61 21.95
N ARG B 115 12.84 26.00 23.04
CA ARG B 115 13.65 25.07 23.81
C ARG B 115 13.68 23.66 23.20
N LYS B 116 12.96 23.43 22.11
CA LYS B 116 13.05 22.18 21.36
C LYS B 116 13.87 22.39 20.08
N HIS B 117 14.15 21.30 19.38
CA HIS B 117 14.75 21.39 18.06
C HIS B 117 13.83 22.13 17.10
N PHE B 118 14.43 22.68 16.04
CA PHE B 118 13.68 23.46 15.08
C PHE B 118 12.45 22.70 14.57
N GLY B 119 11.33 23.42 14.51
CA GLY B 119 10.14 22.90 13.88
C GLY B 119 9.16 22.19 14.78
N TYR B 120 9.35 22.27 16.10
CA TYR B 120 8.37 21.73 17.05
C TYR B 120 7.28 22.77 17.25
N CYS B 121 6.31 22.76 16.34
CA CYS B 121 5.35 23.85 16.22
C CYS B 121 3.93 23.35 16.38
N ARG B 122 3.08 24.21 16.96
CA ARG B 122 1.67 23.85 17.12
C ARG B 122 0.93 23.89 15.81
N TYR B 123 1.30 24.78 14.89
CA TYR B 123 0.68 24.77 13.58
C TYR B 123 1.73 24.69 12.49
N ARG B 124 1.32 24.08 11.38
CA ARG B 124 2.12 23.94 10.18
C ARG B 124 1.16 24.05 9.02
N THR B 125 1.64 24.62 7.93
CA THR B 125 1.00 24.31 6.67
C THR B 125 1.51 22.95 6.21
N PRO B 126 0.81 22.29 5.30
CA PRO B 126 1.48 21.35 4.44
C PRO B 126 2.52 22.08 3.62
N PRO B 127 3.60 21.41 3.24
CA PRO B 127 4.59 22.06 2.38
C PRO B 127 3.98 22.30 1.00
N PHE B 128 4.16 23.53 0.51
CA PHE B 128 3.79 23.93 -0.84
C PHE B 128 4.96 23.67 -1.79
N TRP B 129 4.68 23.05 -2.93
CA TRP B 129 5.74 22.59 -3.82
C TRP B 129 5.47 22.99 -5.25
N ASP B 130 6.56 23.18 -5.98
CA ASP B 130 6.48 23.03 -7.43
C ASP B 130 6.27 21.55 -7.75
N SER B 131 5.15 21.22 -8.41
CA SER B 131 4.77 19.84 -8.68
C SER B 131 5.92 19.04 -9.27
N PHE B 132 6.64 19.64 -10.20
CA PHE B 132 7.66 18.92 -10.94
C PHE B 132 8.85 18.59 -10.06
N LEU B 133 9.33 19.58 -9.31
CA LEU B 133 10.43 19.32 -8.37
C LEU B 133 10.04 18.25 -7.36
N ALA B 134 8.79 18.29 -6.87
CA ALA B 134 8.34 17.36 -5.86
C ALA B 134 8.34 15.92 -6.36
N GLY B 135 8.38 15.71 -7.68
CA GLY B 135 8.38 14.37 -8.21
C GLY B 135 9.69 13.63 -7.97
N PHE B 136 10.79 14.36 -7.78
CA PHE B 136 12.09 13.71 -7.60
C PHE B 136 12.91 14.32 -6.47
N ALA B 137 12.33 15.17 -5.62
CA ALA B 137 13.09 15.85 -4.59
C ALA B 137 12.23 16.03 -3.35
N TYR B 138 12.88 16.10 -2.19
CA TYR B 138 12.15 16.19 -0.94
C TYR B 138 13.07 16.81 0.11
N PRO B 139 12.51 17.35 1.20
CA PRO B 139 13.37 17.99 2.22
C PRO B 139 14.16 16.94 2.98
N THR B 140 15.33 17.37 3.47
CA THR B 140 16.07 16.58 4.45
C THR B 140 15.25 16.39 5.72
N ASP B 141 15.76 15.50 6.58
CA ASP B 141 15.07 15.21 7.83
C ASP B 141 14.90 16.45 8.69
N ASP B 142 15.90 17.34 8.73
CA ASP B 142 15.71 18.58 9.49
C ASP B 142 14.92 19.63 8.72
N GLU B 143 14.52 19.34 7.48
CA GLU B 143 13.66 20.19 6.65
C GLU B 143 14.33 21.50 6.23
N LEU B 144 15.64 21.62 6.41
CA LEU B 144 16.36 22.82 6.00
C LEU B 144 17.20 22.63 4.76
N GLY B 145 17.30 21.40 4.24
CA GLY B 145 17.98 21.13 3.00
C GLY B 145 17.04 20.40 2.05
N LEU B 146 17.59 20.06 0.88
CA LEU B 146 16.85 19.36 -0.15
C LEU B 146 17.69 18.20 -0.66
N ILE B 147 17.00 17.09 -0.95
CA ILE B 147 17.58 15.94 -1.61
C ILE B 147 16.89 15.81 -2.95
N MET B 148 17.68 15.64 -4.01
CA MET B 148 17.20 15.40 -5.36
C MET B 148 17.62 14.02 -5.79
N ALA B 149 16.68 13.24 -6.34
CA ALA B 149 16.93 11.87 -6.75
C ALA B 149 17.09 11.82 -8.27
N ALA B 150 18.30 11.50 -8.73
CA ALA B 150 18.60 11.40 -10.15
C ALA B 150 18.04 12.56 -10.98
N PRO B 151 18.34 13.79 -10.62
CA PRO B 151 17.75 14.93 -11.37
C PRO B 151 18.21 14.95 -12.81
N ALA B 152 17.31 15.37 -13.68
CA ALA B 152 17.63 15.62 -15.09
C ALA B 152 18.59 16.80 -15.21
N ARG B 153 19.30 16.86 -16.34
CA ARG B 153 20.31 17.89 -16.56
C ARG B 153 19.71 19.29 -16.53
N LEU B 154 18.46 19.43 -16.99
CA LEU B 154 17.81 20.73 -16.99
C LEU B 154 17.59 21.28 -15.59
N VAL B 155 17.82 20.48 -14.54
CA VAL B 155 17.69 20.96 -13.16
C VAL B 155 18.87 21.85 -12.78
N GLU B 156 19.98 21.76 -13.53
CA GLU B 156 21.13 22.62 -13.31
C GLU B 156 20.71 24.08 -13.16
N GLY B 157 21.36 24.75 -12.25
CA GLY B 157 21.17 26.17 -12.12
C GLY B 157 21.37 26.58 -10.68
N GLN B 158 20.68 27.67 -10.32
CA GLN B 158 20.93 28.39 -9.08
C GLN B 158 19.69 28.28 -8.22
N TYR B 159 19.87 27.72 -7.02
CA TYR B 159 18.80 27.46 -6.07
C TYR B 159 19.03 28.28 -4.81
N ARG B 160 18.03 29.06 -4.43
CA ARG B 160 18.14 29.96 -3.29
C ARG B 160 17.19 29.49 -2.20
N ARG B 161 17.75 29.21 -1.03
CA ARG B 161 16.98 28.94 0.17
C ARG B 161 16.85 30.24 0.96
N ALA B 162 15.63 30.58 1.34
CA ALA B 162 15.36 31.72 2.23
C ALA B 162 14.78 31.18 3.53
N LEU B 163 15.47 31.46 4.64
CA LEU B 163 15.02 31.04 5.96
C LEU B 163 14.57 32.27 6.73
N TYR B 164 13.29 32.30 7.08
CA TYR B 164 12.74 33.28 8.02
C TYR B 164 12.60 32.58 9.36
N ILE B 165 13.38 33.00 10.35
CA ILE B 165 13.40 32.28 11.62
C ILE B 165 13.41 33.29 12.76
N ASP B 166 12.28 33.39 13.47
CA ASP B 166 12.14 34.29 14.61
C ASP B 166 12.47 35.73 14.19
N GLY B 167 12.11 36.09 12.96
CA GLY B 167 12.32 37.43 12.44
C GLY B 167 13.63 37.61 11.69
N THR B 168 14.65 36.81 11.99
CA THR B 168 15.86 36.81 11.18
C THR B 168 15.53 36.28 9.80
N VAL B 169 16.31 36.68 8.80
CA VAL B 169 16.17 36.12 7.46
C VAL B 169 17.57 35.92 6.89
N ALA B 170 17.82 34.73 6.38
CA ALA B 170 19.12 34.35 5.85
C ALA B 170 18.92 33.63 4.52
N TYR B 171 19.72 34.01 3.52
CA TYR B 171 19.70 33.40 2.21
C TYR B 171 20.93 32.52 2.03
N THR B 172 20.78 31.47 1.24
CA THR B 172 21.90 30.62 0.83
C THR B 172 21.64 30.21 -0.60
N ASP B 173 22.63 30.37 -1.47
CA ASP B 173 22.53 29.92 -2.85
C ASP B 173 23.28 28.60 -3.04
N PHE B 174 22.71 27.71 -3.83
CA PHE B 174 23.35 26.45 -4.20
C PHE B 174 23.46 26.40 -5.72
N MET B 175 24.67 26.21 -6.24
CA MET B 175 24.88 26.03 -7.68
C MET B 175 24.91 24.54 -7.96
N VAL B 176 23.86 24.05 -8.61
CA VAL B 176 23.74 22.63 -8.94
C VAL B 176 24.31 22.40 -10.33
N SER B 177 25.30 21.52 -10.43
CA SER B 177 25.85 21.14 -11.73
C SER B 177 25.78 19.63 -11.92
N LEU B 178 25.37 19.22 -13.12
CA LEU B 178 25.10 17.82 -13.42
C LEU B 178 25.82 17.42 -14.70
N PRO B 179 27.16 17.33 -14.65
CA PRO B 179 27.91 17.04 -15.88
C PRO B 179 27.71 15.63 -16.40
N ALA B 180 27.31 14.68 -15.56
CA ALA B 180 27.14 13.30 -16.02
C ALA B 180 25.88 13.11 -16.86
N GLY B 181 25.05 14.15 -17.02
CA GLY B 181 23.91 14.07 -17.91
C GLY B 181 22.64 13.59 -17.24
N ASP B 182 21.62 13.39 -18.08
CA ASP B 182 20.40 12.74 -17.61
C ASP B 182 20.68 11.32 -17.16
N CYS B 183 20.01 10.92 -16.08
CA CYS B 183 19.89 9.51 -15.77
C CYS B 183 18.83 8.89 -16.68
N TRP B 184 18.96 7.59 -16.96
CA TRP B 184 18.00 7.00 -17.89
C TRP B 184 16.56 7.07 -17.37
N PHE B 185 16.35 7.15 -16.05
CA PHE B 185 14.99 7.23 -15.53
C PHE B 185 14.62 8.60 -14.96
N SER B 186 15.45 9.63 -15.17
CA SER B 186 15.16 10.97 -14.66
C SER B 186 13.79 11.45 -15.12
N LYS B 187 13.12 12.20 -14.25
CA LYS B 187 11.85 12.79 -14.62
C LYS B 187 12.10 14.02 -15.49
N LEU B 188 11.45 14.04 -16.66
CA LEU B 188 11.67 15.10 -17.63
C LEU B 188 10.46 16.02 -17.78
N GLY B 189 9.37 15.73 -17.10
CA GLY B 189 8.17 16.55 -17.18
C GLY B 189 7.10 15.92 -18.08
N ALA B 190 5.97 16.60 -18.10
CA ALA B 190 4.85 16.21 -18.95
C ALA B 190 5.02 16.87 -20.32
N ALA B 191 3.95 16.90 -21.10
CA ALA B 191 3.95 17.58 -22.38
C ALA B 191 3.97 19.13 -22.16
N ARG B 192 4.80 19.80 -22.96
CA ARG B 192 5.44 19.02 -24.03
C ARG B 192 6.71 18.21 -23.56
N GLY B 193 7.67 18.57 -22.65
CA GLY B 193 8.25 19.86 -22.30
C GLY B 193 7.95 20.81 -21.12
N TYR B 194 6.91 20.54 -20.33
CA TYR B 194 6.60 21.38 -19.18
C TYR B 194 7.26 20.79 -17.95
N THR B 195 8.15 21.56 -17.33
CA THR B 195 8.84 21.12 -16.14
C THR B 195 8.65 21.90 -14.85
N PHE B 196 9.14 23.14 -14.81
CA PHE B 196 9.05 23.95 -13.60
C PHE B 196 7.89 24.88 -13.87
N GLY B 197 7.25 25.34 -12.80
CA GLY B 197 6.32 26.45 -12.88
C GLY B 197 7.00 27.72 -13.35
N ALA B 198 6.22 28.79 -13.47
CA ALA B 198 6.69 29.99 -14.16
C ALA B 198 7.75 30.77 -13.37
N CYS B 199 8.66 31.39 -14.13
CA CYS B 199 9.66 32.32 -13.61
C CYS B 199 9.04 33.71 -13.53
N PHE B 200 9.03 34.32 -12.32
CA PHE B 200 8.40 35.63 -12.11
C PHE B 200 9.44 36.72 -11.94
N PRO B 201 9.18 37.92 -12.48
CA PRO B 201 10.06 39.07 -12.20
C PRO B 201 10.00 39.47 -10.74
N ALA B 202 11.08 40.12 -10.29
CA ALA B 202 11.10 40.68 -8.93
C ALA B 202 9.87 41.53 -8.67
N ARG B 203 9.45 42.29 -9.68
CA ARG B 203 8.28 43.17 -9.53
C ARG B 203 7.04 42.40 -9.17
N ASP B 204 6.86 41.20 -9.76
CA ASP B 204 5.70 40.40 -9.45
C ASP B 204 5.67 39.99 -7.99
N TYR B 205 6.83 39.62 -7.42
CA TYR B 205 6.89 39.33 -5.99
C TYR B 205 6.56 40.58 -5.18
N GLU B 206 7.16 41.72 -5.52
CA GLU B 206 6.96 42.94 -4.76
C GLU B 206 5.49 43.34 -4.73
N GLN B 207 4.78 43.15 -5.84
CA GLN B 207 3.37 43.51 -5.93
C GLN B 207 2.45 42.42 -5.39
N LYS B 208 2.99 41.41 -4.71
CA LYS B 208 2.21 40.44 -3.95
C LYS B 208 1.31 39.60 -4.87
N LYS B 209 1.82 39.31 -6.06
CA LYS B 209 1.09 38.53 -7.05
C LYS B 209 1.36 37.04 -6.91
N VAL B 210 2.50 36.67 -6.35
CA VAL B 210 2.96 35.28 -6.35
C VAL B 210 2.30 34.55 -5.18
N LEU B 211 0.99 34.30 -5.28
CA LEU B 211 0.24 33.67 -4.21
C LEU B 211 0.54 32.17 -4.16
N ARG B 212 0.91 31.67 -2.98
CA ARG B 212 1.40 30.30 -2.90
C ARG B 212 0.31 29.29 -3.25
N LEU B 213 -0.93 29.53 -2.83
CA LEU B 213 -2.01 28.59 -3.14
C LEU B 213 -2.36 28.62 -4.62
N THR B 214 -2.02 29.69 -5.33
CA THR B 214 -2.34 29.79 -6.75
C THR B 214 -1.31 29.08 -7.61
N TYR B 215 -0.03 29.06 -7.20
CA TYR B 215 1.03 28.62 -8.08
C TYR B 215 1.83 27.41 -7.58
N LEU B 216 1.61 26.96 -6.35
CA LEU B 216 2.26 25.76 -5.86
C LEU B 216 1.22 24.79 -5.34
N THR B 217 1.68 23.57 -5.08
CA THR B 217 0.84 22.43 -4.70
C THR B 217 1.09 22.08 -3.25
N GLN B 218 0.03 22.10 -2.43
CA GLN B 218 0.09 21.53 -1.09
C GLN B 218 0.32 20.03 -1.19
N TYR B 219 1.30 19.51 -0.46
CA TYR B 219 1.77 18.14 -0.68
C TYR B 219 2.01 17.47 0.67
N TYR B 220 2.62 16.27 0.62
CA TYR B 220 2.81 15.41 1.78
C TYR B 220 3.94 15.95 2.67
N PRO B 221 3.83 15.77 3.98
CA PRO B 221 4.93 16.15 4.88
C PRO B 221 6.21 15.38 4.53
N GLN B 222 7.30 15.84 5.12
CA GLN B 222 8.64 15.43 4.65
C GLN B 222 8.82 13.93 4.62
N GLU B 223 8.48 13.22 5.71
CA GLU B 223 8.76 11.80 5.81
C GLU B 223 7.92 11.01 4.83
N ALA B 224 6.66 11.41 4.60
CA ALA B 224 5.87 10.75 3.56
C ALA B 224 6.37 11.12 2.17
N HIS B 225 6.77 12.37 1.97
CA HIS B 225 7.35 12.80 0.71
C HIS B 225 8.61 12.01 0.41
N LYS B 226 9.49 11.90 1.41
CA LYS B 226 10.67 11.06 1.25
C LYS B 226 10.32 9.62 0.88
N ALA B 227 9.25 9.08 1.47
CA ALA B 227 8.89 7.68 1.19
C ALA B 227 8.49 7.48 -0.28
N ILE B 228 7.71 8.42 -0.83
CA ILE B 228 7.32 8.34 -2.24
C ILE B 228 8.55 8.38 -3.14
N VAL B 229 9.42 9.38 -2.94
CA VAL B 229 10.53 9.53 -3.88
C VAL B 229 11.51 8.39 -3.74
N ASP B 230 11.81 7.96 -2.51
CA ASP B 230 12.71 6.82 -2.34
C ASP B 230 12.14 5.56 -2.99
N TYR B 231 10.83 5.32 -2.83
CA TYR B 231 10.18 4.17 -3.46
C TYR B 231 10.37 4.21 -4.97
N TRP B 232 10.05 5.34 -5.59
CA TRP B 232 10.28 5.53 -7.01
C TRP B 232 11.74 5.34 -7.38
N PHE B 233 12.64 5.94 -6.61
CA PHE B 233 14.06 5.90 -6.90
C PHE B 233 14.60 4.47 -6.87
N MET B 234 14.32 3.74 -5.80
CA MET B 234 14.88 2.39 -5.68
C MET B 234 14.19 1.38 -6.59
N ARG B 235 12.93 1.62 -6.98
CA ARG B 235 12.33 0.73 -7.97
C ARG B 235 13.06 0.82 -9.30
N HIS B 236 13.78 1.92 -9.55
CA HIS B 236 14.59 2.06 -10.75
C HIS B 236 16.05 1.74 -10.49
N GLY B 237 16.37 1.10 -9.37
CA GLY B 237 17.72 0.71 -9.04
C GLY B 237 18.55 1.73 -8.29
N GLY B 238 17.98 2.87 -7.90
CA GLY B 238 18.73 3.84 -7.11
C GLY B 238 19.01 3.33 -5.72
N VAL B 239 20.17 3.71 -5.17
CA VAL B 239 20.52 3.39 -3.80
C VAL B 239 20.53 4.68 -3.00
N VAL B 240 19.82 4.69 -1.88
CA VAL B 240 19.72 5.82 -0.97
C VAL B 240 20.92 5.79 -0.02
N PRO B 241 21.84 6.75 -0.09
CA PRO B 241 22.93 6.79 0.88
C PRO B 241 22.38 7.02 2.28
N PRO B 242 23.04 6.44 3.28
CA PRO B 242 22.57 6.67 4.66
C PRO B 242 22.81 8.08 5.17
N TYR B 243 23.77 8.81 4.59
CA TYR B 243 23.99 10.21 4.93
C TYR B 243 24.41 10.99 3.69
N PHE B 244 24.33 12.30 3.82
CA PHE B 244 24.82 13.25 2.82
C PHE B 244 25.77 14.21 3.50
N GLU B 245 26.82 14.63 2.80
CA GLU B 245 27.66 15.62 3.42
C GLU B 245 27.18 17.03 3.07
N GLU B 246 27.61 17.98 3.89
CA GLU B 246 27.31 19.38 3.67
C GLU B 246 27.78 19.81 2.28
N SER B 247 26.98 20.64 1.61
CA SER B 247 27.41 21.21 0.35
C SER B 247 28.57 22.18 0.58
N LYS B 248 29.47 22.25 -0.38
CA LYS B 248 30.78 22.84 -0.18
C LYS B 248 30.78 24.26 -0.71
N GLY B 249 31.69 25.07 -0.17
CA GLY B 249 31.78 26.46 -0.51
C GLY B 249 32.68 26.78 -1.68
N TYR B 250 33.13 25.78 -2.45
CA TYR B 250 34.03 26.02 -3.56
C TYR B 250 33.63 25.19 -4.79
N GLU B 251 34.07 25.65 -5.97
CA GLU B 251 33.59 25.12 -7.24
C GLU B 251 34.17 23.73 -7.52
N PRO B 252 33.42 22.89 -8.25
CA PRO B 252 33.89 21.51 -8.53
C PRO B 252 34.94 21.48 -9.61
N PRO B 253 35.86 20.50 -9.56
CA PRO B 253 36.99 20.25 -10.49
C PRO B 253 36.53 20.07 -11.93
N ASP C 1 -1.18 -22.16 -22.17
CA ASP C 1 0.27 -22.11 -22.36
C ASP C 1 0.87 -23.48 -22.04
N SER C 2 1.65 -24.03 -22.99
CA SER C 2 1.99 -25.44 -22.95
C SER C 2 3.49 -25.67 -23.06
N MET C 3 3.91 -26.81 -22.51
CA MET C 3 5.28 -27.30 -22.58
C MET C 3 5.26 -28.80 -22.80
N TYR C 4 6.42 -29.32 -23.16
CA TYR C 4 6.59 -30.73 -23.49
C TYR C 4 7.98 -31.15 -23.05
N GLY C 5 8.13 -32.42 -22.65
CA GLY C 5 9.42 -32.95 -22.24
C GLY C 5 9.45 -34.45 -22.18
N PHE C 6 10.57 -35.07 -22.52
CA PHE C 6 10.62 -36.53 -22.59
C PHE C 6 11.09 -37.11 -21.28
N ILE C 7 10.58 -38.32 -20.97
CA ILE C 7 10.92 -38.96 -19.70
C ILE C 7 12.42 -39.01 -19.54
N GLY C 8 12.88 -38.76 -18.32
CA GLY C 8 14.27 -38.68 -18.04
C GLY C 8 14.89 -37.31 -18.24
N THR C 9 14.26 -36.43 -19.01
CA THR C 9 14.93 -35.16 -19.27
C THR C 9 14.77 -34.21 -18.07
N ASP C 10 15.24 -33.00 -18.23
CA ASP C 10 14.99 -31.92 -17.28
C ASP C 10 14.24 -30.81 -18.03
N VAL C 11 13.48 -30.02 -17.29
CA VAL C 11 12.63 -29.02 -17.91
C VAL C 11 12.53 -27.81 -16.98
N VAL C 12 12.38 -26.63 -17.58
CA VAL C 12 12.40 -25.36 -16.85
C VAL C 12 10.98 -24.79 -16.91
N LEU C 13 10.32 -24.70 -15.75
CA LEU C 13 9.00 -24.10 -15.67
C LEU C 13 9.12 -22.63 -15.23
N HIS C 14 8.72 -21.73 -16.12
CA HIS C 14 8.95 -20.30 -15.94
C HIS C 14 7.82 -19.67 -15.14
N CYS C 15 8.19 -18.86 -14.15
CA CYS C 15 7.19 -18.09 -13.43
C CYS C 15 7.84 -16.82 -12.91
N SER C 16 7.26 -15.69 -13.29
CA SER C 16 7.76 -14.39 -12.86
C SER C 16 6.57 -13.46 -12.71
N PHE C 17 6.70 -12.49 -11.83
CA PHE C 17 5.68 -11.48 -11.60
C PHE C 17 6.09 -10.26 -12.41
N ALA C 18 5.15 -9.83 -13.10
CA ALA C 18 5.75 -9.16 -14.25
C ALA C 18 5.93 -7.66 -14.00
N ASN C 19 4.79 -6.97 -13.84
CA ASN C 19 4.77 -5.61 -13.31
C ASN C 19 4.20 -5.65 -11.91
N PRO C 20 4.99 -5.70 -10.85
CA PRO C 20 4.43 -5.48 -9.52
C PRO C 20 3.79 -4.10 -9.45
N LEU C 21 2.55 -4.06 -8.97
CA LEU C 21 1.82 -2.81 -8.82
C LEU C 21 2.51 -1.93 -7.77
N PRO C 22 2.49 -0.61 -7.92
CA PRO C 22 2.83 0.24 -6.77
C PRO C 22 1.88 -0.07 -5.63
N GLY C 23 2.44 -0.19 -4.41
CA GLY C 23 1.64 -0.50 -3.24
C GLY C 23 1.38 -1.98 -3.00
N VAL C 24 1.86 -2.88 -3.87
CA VAL C 24 1.65 -4.32 -3.72
C VAL C 24 2.83 -4.91 -2.98
N LYS C 25 2.58 -5.51 -1.84
CA LYS C 25 3.58 -6.28 -1.11
C LYS C 25 3.54 -7.72 -1.58
N ILE C 26 4.69 -8.29 -1.94
CA ILE C 26 4.74 -9.69 -2.35
C ILE C 26 5.36 -10.51 -1.24
N THR C 27 4.76 -11.64 -0.95
CA THR C 27 5.02 -12.39 0.27
C THR C 27 5.59 -13.78 0.03
N GLN C 28 5.15 -14.51 -1.00
CA GLN C 28 5.80 -15.76 -1.36
C GLN C 28 5.30 -16.22 -2.73
N VAL C 29 6.06 -17.18 -3.30
CA VAL C 29 5.74 -17.86 -4.55
C VAL C 29 5.55 -19.34 -4.27
N THR C 30 4.55 -19.95 -4.91
CA THR C 30 4.28 -21.37 -4.71
C THR C 30 3.96 -22.02 -6.05
N TRP C 31 4.55 -23.18 -6.30
CA TRP C 31 4.17 -24.02 -7.42
C TRP C 31 3.24 -25.11 -6.92
N GLN C 32 2.12 -25.31 -7.62
CA GLN C 32 1.18 -26.38 -7.35
C GLN C 32 0.92 -27.20 -8.61
N LYS C 33 0.54 -28.45 -8.40
CA LYS C 33 0.15 -29.37 -9.46
C LYS C 33 -1.33 -29.70 -9.30
N ALA C 34 -2.09 -29.54 -10.38
CA ALA C 34 -3.53 -29.78 -10.38
C ALA C 34 -3.86 -31.02 -11.18
N THR C 35 -4.54 -31.96 -10.53
CA THR C 35 -5.06 -33.18 -11.14
C THR C 35 -6.31 -33.47 -10.32
N ASN C 36 -7.34 -34.04 -10.95
CA ASN C 36 -8.55 -34.49 -10.26
C ASN C 36 -9.43 -33.32 -9.79
N GLY C 37 -9.08 -32.10 -10.17
CA GLY C 37 -9.62 -30.96 -9.45
C GLY C 37 -9.16 -30.98 -8.01
N SER C 38 -7.92 -31.41 -7.76
CA SER C 38 -7.28 -31.31 -6.45
C SER C 38 -5.86 -30.79 -6.67
N LYS C 39 -5.59 -29.56 -6.24
CA LYS C 39 -4.24 -29.05 -6.33
C LYS C 39 -3.43 -29.45 -5.10
N GLN C 40 -2.17 -29.79 -5.35
CA GLN C 40 -1.22 -30.16 -4.31
C GLN C 40 0.01 -29.29 -4.49
N ASN C 41 0.68 -28.99 -3.37
CA ASN C 41 1.83 -28.11 -3.41
C ASN C 41 3.09 -28.85 -3.88
N VAL C 42 3.83 -28.22 -4.79
CA VAL C 42 5.09 -28.76 -5.30
C VAL C 42 6.28 -28.16 -4.58
N ALA C 43 6.36 -26.82 -4.52
CA ALA C 43 7.49 -26.12 -3.92
C ALA C 43 7.05 -24.72 -3.55
N ILE C 44 7.56 -24.24 -2.41
CA ILE C 44 7.20 -22.95 -1.85
C ILE C 44 8.50 -22.17 -1.66
N TYR C 45 8.51 -20.90 -2.08
CA TYR C 45 9.62 -20.01 -1.79
C TYR C 45 9.11 -18.80 -1.02
N ASN C 46 9.49 -18.71 0.25
CA ASN C 46 9.17 -17.56 1.07
C ASN C 46 10.43 -16.71 1.19
N PRO C 47 10.45 -15.49 0.64
CA PRO C 47 11.69 -14.69 0.70
C PRO C 47 12.24 -14.51 2.10
N ALA C 48 11.38 -14.26 3.08
CA ALA C 48 11.85 -14.10 4.44
C ALA C 48 12.31 -15.43 5.07
N MET C 49 11.66 -16.54 4.72
CA MET C 49 11.81 -17.77 5.50
C MET C 49 12.37 -18.97 4.74
N GLY C 50 12.54 -18.89 3.43
CA GLY C 50 13.24 -19.94 2.70
C GLY C 50 12.32 -20.82 1.87
N VAL C 51 12.91 -21.90 1.33
CA VAL C 51 12.30 -22.78 0.35
C VAL C 51 11.84 -24.05 1.03
N SER C 52 10.75 -24.62 0.52
CA SER C 52 10.35 -25.98 0.88
C SER C 52 9.91 -26.71 -0.39
N VAL C 53 10.45 -27.90 -0.61
CA VAL C 53 10.04 -28.78 -1.69
C VAL C 53 9.35 -29.98 -1.08
N LEU C 54 8.19 -30.35 -1.63
CA LEU C 54 7.38 -31.43 -1.10
C LEU C 54 7.58 -32.73 -1.89
N ALA C 55 7.38 -33.86 -1.23
CA ALA C 55 7.36 -35.15 -1.91
C ALA C 55 6.16 -35.13 -2.83
N PRO C 56 6.25 -35.72 -4.03
CA PRO C 56 7.17 -36.57 -4.78
C PRO C 56 8.35 -35.84 -5.47
N TYR C 57 8.76 -34.68 -4.99
CA TYR C 57 9.70 -33.88 -5.74
C TYR C 57 10.97 -33.49 -5.00
N ARG C 58 11.22 -34.03 -3.81
CA ARG C 58 12.23 -33.41 -2.95
C ARG C 58 13.62 -33.44 -3.57
N GLU C 59 14.00 -34.51 -4.23
CA GLU C 59 15.31 -34.41 -4.85
C GLU C 59 15.26 -33.80 -6.26
N ARG C 60 14.08 -33.61 -6.83
CA ARG C 60 13.96 -33.32 -8.26
C ARG C 60 13.61 -31.87 -8.61
N VAL C 61 13.48 -30.95 -7.64
CA VAL C 61 12.97 -29.61 -7.92
C VAL C 61 13.83 -28.54 -7.23
N GLU C 62 14.05 -27.43 -7.92
CA GLU C 62 14.96 -26.38 -7.49
C GLU C 62 14.51 -25.04 -8.06
N PHE C 63 14.39 -24.03 -7.21
CA PHE C 63 14.23 -22.66 -7.71
C PHE C 63 15.56 -22.19 -8.29
N LEU C 64 15.53 -21.71 -9.53
CA LEU C 64 16.76 -21.25 -10.19
C LEU C 64 17.16 -19.89 -9.68
N ARG C 65 16.25 -18.93 -9.76
CA ARG C 65 16.50 -17.52 -9.44
C ARG C 65 15.44 -17.09 -8.45
N PRO C 66 15.44 -17.63 -7.23
CA PRO C 66 14.34 -17.31 -6.33
C PRO C 66 14.43 -15.86 -5.87
N SER C 67 13.29 -15.15 -5.90
CA SER C 67 13.09 -13.86 -5.26
C SER C 67 11.62 -13.53 -5.12
N PHE C 68 11.39 -12.24 -4.84
CA PHE C 68 10.03 -11.75 -4.68
C PHE C 68 9.24 -11.88 -5.97
N THR C 69 9.89 -11.75 -7.13
CA THR C 69 9.17 -11.69 -8.40
C THR C 69 9.46 -12.87 -9.30
N ASP C 70 10.15 -13.90 -8.81
CA ASP C 70 10.67 -14.95 -9.67
C ASP C 70 10.56 -16.30 -8.97
N GLY C 71 9.77 -17.20 -9.55
CA GLY C 71 9.64 -18.54 -9.01
C GLY C 71 9.98 -19.64 -10.00
N THR C 72 10.76 -19.32 -11.03
CA THR C 72 11.12 -20.30 -12.03
C THR C 72 11.89 -21.47 -11.41
N ILE C 73 11.46 -22.69 -11.74
CA ILE C 73 12.07 -23.91 -11.21
C ILE C 73 12.55 -24.78 -12.36
N ARG C 74 13.50 -25.65 -12.04
CA ARG C 74 13.87 -26.76 -12.90
C ARG C 74 13.28 -28.03 -12.32
N LEU C 75 12.48 -28.72 -13.13
CA LEU C 75 11.92 -30.02 -12.75
C LEU C 75 12.73 -31.10 -13.46
N SER C 76 13.53 -31.83 -12.68
CA SER C 76 14.51 -32.77 -13.21
C SER C 76 13.98 -34.20 -13.26
N ARG C 77 14.42 -34.94 -14.30
CA ARG C 77 14.20 -36.38 -14.42
C ARG C 77 12.71 -36.72 -14.56
N LEU C 78 12.08 -36.15 -15.60
CA LEU C 78 10.63 -36.26 -15.71
C LEU C 78 10.18 -37.72 -15.66
N GLU C 79 9.01 -37.89 -15.05
CA GLU C 79 8.30 -39.15 -15.05
C GLU C 79 6.95 -38.89 -15.71
N LEU C 80 6.37 -39.93 -16.33
CA LEU C 80 5.07 -39.71 -16.96
C LEU C 80 4.06 -39.18 -15.95
N GLU C 81 4.20 -39.56 -14.68
CA GLU C 81 3.35 -39.02 -13.63
C GLU C 81 3.40 -37.49 -13.53
N ASP C 82 4.47 -36.85 -14.03
CA ASP C 82 4.56 -35.39 -13.94
C ASP C 82 3.67 -34.66 -14.94
N GLU C 83 3.02 -35.38 -15.85
CA GLU C 83 2.11 -34.73 -16.78
C GLU C 83 0.94 -34.13 -16.00
N GLY C 84 0.55 -32.93 -16.37
CA GLY C 84 -0.57 -32.27 -15.72
C GLY C 84 -0.41 -30.77 -15.77
N VAL C 85 -1.39 -30.08 -15.17
CA VAL C 85 -1.41 -28.63 -15.10
C VAL C 85 -0.64 -28.18 -13.87
N TYR C 86 0.30 -27.26 -14.07
CA TYR C 86 1.09 -26.66 -12.99
C TYR C 86 0.69 -25.20 -12.83
N ILE C 87 0.55 -24.78 -11.59
CA ILE C 87 0.07 -23.44 -11.24
C ILE C 87 1.14 -22.74 -10.41
N CYS C 88 1.50 -21.53 -10.82
CA CYS C 88 2.41 -20.69 -10.06
C CYS C 88 1.62 -19.54 -9.45
N GLU C 89 1.73 -19.38 -8.13
CA GLU C 89 0.92 -18.41 -7.40
C GLU C 89 1.79 -17.47 -6.58
N PHE C 90 1.55 -16.16 -6.73
CA PHE C 90 2.18 -15.14 -5.90
C PHE C 90 1.18 -14.68 -4.84
N ALA C 91 1.55 -14.78 -3.57
CA ALA C 91 0.75 -14.20 -2.49
C ALA C 91 1.13 -12.74 -2.30
N THR C 92 0.14 -11.84 -2.37
CA THR C 92 0.41 -10.41 -2.20
C THR C 92 -0.60 -9.80 -1.24
N PHE C 93 -0.23 -8.61 -0.77
CA PHE C 93 -1.00 -7.82 0.18
C PHE C 93 -1.00 -6.38 -0.35
N PRO C 94 -2.14 -5.69 -0.30
CA PRO C 94 -3.46 -6.05 0.24
C PRO C 94 -4.36 -6.66 -0.82
N ALA C 95 -3.78 -7.01 -1.97
CA ALA C 95 -4.54 -7.26 -3.18
C ALA C 95 -4.94 -8.71 -3.40
N GLY C 96 -4.38 -9.64 -2.66
CA GLY C 96 -4.68 -11.05 -2.92
C GLY C 96 -3.66 -11.66 -3.87
N ASN C 97 -4.01 -12.84 -4.37
CA ASN C 97 -3.04 -13.65 -5.08
C ASN C 97 -3.20 -13.55 -6.59
N ARG C 98 -2.19 -14.04 -7.28
CA ARG C 98 -2.09 -13.83 -8.71
C ARG C 98 -1.39 -15.04 -9.31
N GLU C 99 -2.01 -15.59 -10.35
CA GLU C 99 -1.73 -16.96 -10.78
C GLU C 99 -1.42 -17.01 -12.25
N SER C 100 -0.53 -17.92 -12.63
CA SER C 100 -0.38 -18.35 -14.00
C SER C 100 -0.41 -19.88 -14.07
N GLN C 101 -0.73 -20.40 -15.25
CA GLN C 101 -0.86 -21.85 -15.44
C GLN C 101 -0.01 -22.31 -16.61
N LEU C 102 0.34 -23.59 -16.58
CA LEU C 102 0.98 -24.20 -17.74
C LEU C 102 0.64 -25.68 -17.79
N ASN C 103 0.47 -26.18 -19.01
CA ASN C 103 0.31 -27.61 -19.25
C ASN C 103 1.69 -28.21 -19.51
N LEU C 104 1.98 -29.33 -18.85
CA LEU C 104 3.22 -30.05 -19.07
C LEU C 104 2.88 -31.42 -19.63
N THR C 105 3.43 -31.74 -20.80
CA THR C 105 3.24 -33.05 -21.43
C THR C 105 4.53 -33.86 -21.33
N VAL C 106 4.42 -35.10 -20.85
CA VAL C 106 5.54 -36.03 -20.73
C VAL C 106 5.21 -37.31 -21.49
N MET C 107 6.26 -37.92 -22.07
CA MET C 107 6.12 -38.63 -23.34
C MET C 107 7.16 -39.70 -23.46
N ALA C 108 6.79 -40.88 -23.99
CA ALA C 108 7.74 -41.96 -24.21
C ALA C 108 8.82 -41.55 -25.22
N LYS C 109 9.84 -42.39 -25.33
CA LYS C 109 10.99 -42.11 -26.19
C LYS C 109 11.01 -43.04 -27.41
N PRO D 10 -26.51 -1.80 -6.44
CA PRO D 10 -25.53 -2.53 -7.25
C PRO D 10 -25.21 -1.76 -8.54
N ARG D 11 -24.10 -2.02 -9.23
CA ARG D 11 -23.03 -3.00 -8.91
C ARG D 11 -21.64 -2.42 -9.15
N VAL D 12 -20.98 -1.71 -8.24
CA VAL D 12 -19.72 -1.08 -8.65
C VAL D 12 -18.72 -1.02 -7.51
N THR D 13 -17.45 -1.12 -7.90
CA THR D 13 -16.30 -0.82 -7.04
C THR D 13 -16.38 0.56 -6.43
N VAL D 14 -15.94 0.65 -5.17
CA VAL D 14 -15.87 1.88 -4.37
C VAL D 14 -14.43 2.02 -3.93
N TYR D 15 -13.99 3.27 -3.72
CA TYR D 15 -12.65 3.50 -3.21
C TYR D 15 -12.59 3.34 -1.69
N VAL D 16 -11.50 2.76 -1.21
CA VAL D 16 -11.24 2.56 0.21
C VAL D 16 -9.75 2.83 0.44
N ASP D 17 -9.43 3.53 1.52
CA ASP D 17 -8.04 3.68 1.92
C ASP D 17 -7.39 2.29 1.96
N PRO D 18 -6.26 2.10 1.29
CA PRO D 18 -5.55 0.84 1.42
C PRO D 18 -5.18 0.61 2.88
N PRO D 19 -5.32 -0.61 3.39
CA PRO D 19 -4.92 -0.85 4.78
C PRO D 19 -3.42 -1.04 4.87
N ALA D 20 -2.87 -0.60 5.99
CA ALA D 20 -1.49 -0.88 6.30
C ALA D 20 -1.32 -2.37 6.58
N TYR D 21 -0.13 -2.89 6.29
CA TYR D 21 0.14 -4.23 6.76
C TYR D 21 0.27 -4.22 8.28
N PRO D 22 -0.67 -4.80 9.02
CA PRO D 22 -0.64 -4.66 10.49
C PRO D 22 0.47 -5.50 11.09
N MET D 23 1.00 -5.02 12.18
CA MET D 23 2.07 -5.72 12.87
C MET D 23 1.48 -6.73 13.84
N PRO D 24 2.26 -7.74 14.24
CA PRO D 24 1.72 -8.75 15.17
C PRO D 24 1.28 -8.10 16.47
N ARG D 25 0.26 -8.67 17.09
CA ARG D 25 -0.25 -8.07 18.33
C ARG D 25 0.68 -8.34 19.52
N TYR D 26 1.40 -9.45 19.51
CA TYR D 26 2.44 -9.70 20.50
C TYR D 26 3.63 -10.32 19.78
N ASN D 27 4.72 -10.56 20.51
CA ASN D 27 5.96 -11.04 19.92
C ASN D 27 6.09 -12.55 20.10
N TYR D 28 6.16 -13.27 18.98
CA TYR D 28 6.28 -14.71 18.95
C TYR D 28 7.17 -15.10 17.79
N THR D 29 7.61 -16.36 17.81
CA THR D 29 8.41 -16.92 16.73
C THR D 29 7.52 -17.78 15.84
N GLU D 30 7.56 -17.51 14.54
CA GLU D 30 6.75 -18.21 13.55
C GLU D 30 7.53 -19.41 13.01
N ARG D 31 6.98 -20.61 13.14
CA ARG D 31 7.61 -21.82 12.63
C ARG D 31 7.11 -22.11 11.21
N TRP D 32 8.01 -22.02 10.23
CA TRP D 32 7.61 -22.05 8.83
C TRP D 32 7.92 -23.39 8.18
N HIS D 33 7.09 -23.74 7.20
CA HIS D 33 7.29 -24.95 6.38
C HIS D 33 7.26 -26.21 7.25
N THR D 34 6.43 -26.21 8.28
CA THR D 34 6.20 -27.44 9.04
C THR D 34 5.14 -28.28 8.35
N THR D 35 5.11 -29.57 8.68
CA THR D 35 4.08 -30.46 8.16
C THR D 35 3.68 -31.46 9.23
N GLY D 36 2.70 -32.29 8.88
CA GLY D 36 2.14 -33.27 9.76
C GLY D 36 0.80 -33.72 9.23
N PRO D 37 0.41 -34.95 9.57
CA PRO D 37 -0.91 -35.45 9.15
C PRO D 37 -2.02 -34.74 9.91
N ILE D 38 -2.97 -34.20 9.17
CA ILE D 38 -4.16 -33.64 9.82
C ILE D 38 -5.01 -34.79 10.35
N PRO D 39 -5.43 -34.75 11.62
CA PRO D 39 -6.22 -35.87 12.15
C PRO D 39 -7.63 -35.86 11.55
N SER D 40 -8.22 -37.06 11.55
CA SER D 40 -9.57 -37.24 11.04
C SER D 40 -10.56 -36.39 11.85
N PRO D 41 -11.50 -35.71 11.19
CA PRO D 41 -12.56 -35.03 11.95
C PRO D 41 -13.64 -36.00 12.39
N PHE D 42 -13.59 -37.24 11.90
CA PHE D 42 -14.60 -38.23 12.18
C PHE D 42 -14.24 -39.03 13.41
N ALA D 43 -15.26 -39.37 14.17
CA ALA D 43 -15.06 -40.04 15.43
C ALA D 43 -16.00 -41.25 15.55
N ASP D 44 -17.33 -41.09 15.46
CA ASP D 44 -18.04 -39.81 15.31
C ASP D 44 -19.09 -39.60 16.40
N GLY D 45 -19.46 -40.67 17.11
CA GLY D 45 -20.61 -40.58 18.00
C GLY D 45 -20.45 -40.99 19.46
N ARG D 46 -19.33 -41.62 19.81
CA ARG D 46 -19.11 -42.09 21.17
C ARG D 46 -18.93 -41.06 22.37
N GLU D 47 -17.90 -40.25 22.41
CA GLU D 47 -17.18 -39.74 21.31
C GLU D 47 -17.79 -39.39 19.92
N GLN D 48 -18.79 -38.51 19.92
CA GLN D 48 -19.49 -37.80 21.05
C GLN D 48 -20.80 -37.28 20.45
N PRO D 49 -21.68 -36.74 21.30
CA PRO D 49 -22.49 -35.61 20.83
C PRO D 49 -21.55 -34.46 20.56
N VAL D 50 -21.79 -33.75 19.47
CA VAL D 50 -20.98 -32.61 19.10
C VAL D 50 -21.86 -31.38 19.25
N GLU D 51 -21.34 -30.33 19.88
CA GLU D 51 -22.10 -29.09 19.94
C GLU D 51 -22.46 -28.67 18.53
N VAL D 52 -23.75 -28.40 18.29
CA VAL D 52 -24.22 -27.96 16.98
C VAL D 52 -24.70 -26.53 17.10
N ARG D 53 -24.30 -25.70 16.12
CA ARG D 53 -24.73 -24.32 16.03
C ARG D 53 -25.14 -24.03 14.59
N TYR D 54 -25.90 -22.96 14.41
CA TYR D 54 -26.46 -22.62 13.11
C TYR D 54 -26.09 -21.20 12.74
N ALA D 55 -25.84 -20.97 11.46
CA ALA D 55 -25.41 -19.67 10.96
C ALA D 55 -26.03 -19.43 9.60
N THR D 56 -26.59 -18.24 9.39
CA THR D 56 -27.27 -17.91 8.14
C THR D 56 -27.22 -16.40 7.95
N SER D 57 -27.55 -15.95 6.74
CA SER D 57 -27.47 -14.53 6.39
C SER D 57 -28.82 -14.05 5.88
N ALA D 58 -29.29 -12.94 6.46
CA ALA D 58 -30.51 -12.31 5.97
C ALA D 58 -30.37 -11.86 4.53
N ALA D 59 -29.17 -11.44 4.13
CA ALA D 59 -28.92 -10.90 2.81
C ALA D 59 -27.61 -11.44 2.26
N ALA D 60 -27.57 -11.64 0.94
CA ALA D 60 -26.51 -12.43 0.32
C ALA D 60 -25.14 -11.80 0.43
N CYS D 61 -25.06 -10.47 0.55
CA CYS D 61 -23.78 -9.80 0.63
C CYS D 61 -23.40 -9.44 2.06
N ASP D 62 -24.10 -9.97 3.06
CA ASP D 62 -23.72 -9.75 4.44
C ASP D 62 -22.45 -10.52 4.77
N MET D 63 -21.81 -10.15 5.88
CA MET D 63 -20.81 -10.99 6.50
C MET D 63 -21.49 -11.99 7.41
N LEU D 64 -20.94 -13.19 7.48
CA LEU D 64 -21.48 -14.27 8.26
C LEU D 64 -20.42 -14.72 9.24
N ALA D 65 -20.81 -14.97 10.49
CA ALA D 65 -19.87 -15.40 11.50
C ALA D 65 -20.19 -16.81 11.97
N LEU D 66 -19.13 -17.54 12.31
CA LEU D 66 -19.21 -18.83 12.96
C LEU D 66 -18.51 -18.66 14.30
N ILE D 67 -19.28 -18.51 15.37
CA ILE D 67 -18.75 -18.17 16.70
C ILE D 67 -19.42 -19.06 17.72
N ALA D 68 -18.61 -19.75 18.53
CA ALA D 68 -19.10 -20.57 19.64
C ALA D 68 -18.00 -20.53 20.69
N ASP D 69 -18.20 -19.74 21.73
CA ASP D 69 -17.20 -19.59 22.75
C ASP D 69 -16.91 -20.96 23.35
N PRO D 70 -15.67 -21.45 23.27
CA PRO D 70 -15.35 -22.80 23.76
C PRO D 70 -15.05 -22.87 25.25
N GLN D 71 -15.40 -21.84 26.02
CA GLN D 71 -15.13 -21.74 27.46
C GLN D 71 -13.77 -22.36 27.81
N VAL D 72 -12.76 -21.81 27.13
CA VAL D 72 -11.38 -22.25 27.26
C VAL D 72 -10.76 -21.76 28.57
N GLY D 73 -11.40 -20.80 29.23
CA GLY D 73 -10.81 -20.22 30.44
C GLY D 73 -10.75 -21.20 31.61
N ARG D 74 -11.69 -22.12 31.69
CA ARG D 74 -11.65 -23.10 32.76
C ARG D 74 -10.51 -24.09 32.54
N THR D 75 -10.23 -24.46 31.29
CA THR D 75 -9.13 -25.37 31.00
C THR D 75 -7.80 -24.75 31.40
N LEU D 76 -7.62 -23.48 31.10
CA LEU D 76 -6.35 -22.83 31.39
C LEU D 76 -6.22 -22.57 32.88
N TRP D 77 -7.34 -22.29 33.54
CA TRP D 77 -7.37 -22.19 34.99
C TRP D 77 -6.96 -23.51 35.62
N GLU D 78 -7.52 -24.62 35.14
CA GLU D 78 -7.12 -25.94 35.63
C GLU D 78 -5.61 -26.14 35.48
N ALA D 79 -5.03 -25.63 34.39
CA ALA D 79 -3.59 -25.74 34.21
C ALA D 79 -2.83 -24.96 35.28
N VAL D 80 -3.18 -23.69 35.48
CA VAL D 80 -2.52 -22.88 36.49
C VAL D 80 -2.63 -23.54 37.85
N ARG D 81 -3.76 -24.19 38.12
CA ARG D 81 -3.95 -24.81 39.43
C ARG D 81 -3.05 -26.02 39.60
N ARG D 82 -2.81 -26.78 38.53
CA ARG D 82 -1.84 -27.86 38.56
C ARG D 82 -0.41 -27.36 38.41
N HIS D 83 -0.18 -26.06 38.51
CA HIS D 83 1.15 -25.47 38.40
C HIS D 83 1.81 -25.78 37.05
N ALA D 84 1.00 -26.06 36.03
CA ALA D 84 1.56 -26.26 34.70
C ALA D 84 2.27 -25.01 34.21
N ARG D 85 3.44 -25.21 33.60
CA ARG D 85 4.22 -24.07 33.14
C ARG D 85 3.72 -23.55 31.80
N ALA D 86 3.39 -24.46 30.89
CA ALA D 86 2.86 -24.09 29.59
C ALA D 86 1.67 -24.97 29.26
N TYR D 87 0.94 -24.58 28.21
CA TYR D 87 0.03 -25.44 27.48
C TYR D 87 0.32 -25.27 25.99
N ASN D 88 -0.22 -26.16 25.18
CA ASN D 88 -0.23 -25.95 23.74
C ASN D 88 -1.64 -26.14 23.22
N ALA D 89 -1.83 -25.81 21.95
CA ALA D 89 -3.17 -25.83 21.38
C ALA D 89 -3.07 -25.98 19.87
N THR D 90 -4.13 -26.53 19.28
CA THR D 90 -4.28 -26.64 17.84
C THR D 90 -5.72 -26.31 17.50
N VAL D 91 -5.91 -25.56 16.41
CA VAL D 91 -7.24 -25.22 15.91
C VAL D 91 -7.32 -25.73 14.48
N ILE D 92 -8.38 -26.50 14.18
CA ILE D 92 -8.57 -27.10 12.87
C ILE D 92 -10.03 -26.93 12.47
N TRP D 93 -10.25 -26.57 11.21
CA TRP D 93 -11.58 -26.45 10.63
C TRP D 93 -11.68 -27.42 9.47
N TYR D 94 -12.87 -28.02 9.31
CA TYR D 94 -13.16 -28.92 8.20
C TYR D 94 -14.52 -28.57 7.63
N LYS D 95 -14.70 -28.83 6.34
CA LYS D 95 -16.03 -28.94 5.74
C LYS D 95 -16.43 -30.43 5.66
N ILE D 96 -17.48 -30.82 6.40
CA ILE D 96 -17.93 -32.21 6.44
C ILE D 96 -18.90 -32.48 5.29
N GLU D 97 -18.60 -33.49 4.49
CA GLU D 97 -19.54 -33.90 3.46
C GLU D 97 -19.78 -35.39 3.58
N SER D 98 -20.52 -35.96 2.64
CA SER D 98 -20.96 -37.35 2.78
C SER D 98 -19.78 -38.28 2.56
N GLY D 99 -19.30 -38.89 3.65
CA GLY D 99 -18.19 -39.83 3.56
C GLY D 99 -16.81 -39.23 3.40
N CYS D 100 -16.66 -37.92 3.59
CA CYS D 100 -15.34 -37.30 3.40
C CYS D 100 -15.33 -35.92 4.02
N ALA D 101 -14.13 -35.37 4.22
CA ALA D 101 -13.99 -34.05 4.82
C ALA D 101 -12.90 -33.26 4.11
N ARG D 102 -13.18 -31.97 3.86
CA ARG D 102 -12.19 -31.05 3.31
C ARG D 102 -11.47 -30.31 4.44
N PRO D 103 -10.15 -30.35 4.52
CA PRO D 103 -9.45 -29.56 5.54
C PRO D 103 -9.43 -28.10 5.10
N LEU D 104 -9.84 -27.21 6.01
CA LEU D 104 -9.93 -25.79 5.68
C LEU D 104 -8.90 -24.94 6.38
N TYR D 105 -8.49 -25.31 7.58
CA TYR D 105 -7.72 -24.42 8.43
C TYR D 105 -6.93 -25.27 9.40
N TYR D 106 -5.66 -24.92 9.58
CA TYR D 106 -4.84 -25.57 10.60
C TYR D 106 -3.90 -24.54 11.21
N MET D 107 -3.81 -24.55 12.54
CA MET D 107 -3.01 -23.57 13.26
C MET D 107 -2.49 -24.20 14.54
N GLU D 108 -1.18 -24.18 14.73
CA GLU D 108 -0.55 -24.85 15.87
C GLU D 108 0.08 -23.83 16.81
N TYR D 109 -0.35 -23.86 18.07
CA TYR D 109 0.18 -23.00 19.13
C TYR D 109 0.97 -23.88 20.09
N THR D 110 2.22 -23.48 20.39
CA THR D 110 3.00 -24.19 21.39
C THR D 110 3.63 -23.20 22.37
N GLU D 111 3.89 -23.70 23.57
CA GLU D 111 4.54 -22.94 24.64
C GLU D 111 3.70 -21.73 25.05
N CYS D 112 2.44 -21.97 25.32
CA CYS D 112 1.50 -20.91 25.62
C CYS D 112 1.40 -20.69 27.12
N GLU D 113 1.02 -19.47 27.49
CA GLU D 113 1.00 -19.04 28.89
C GLU D 113 -0.39 -19.27 29.46
N PRO D 114 -0.58 -20.18 30.41
CA PRO D 114 -1.94 -20.47 30.89
C PRO D 114 -2.53 -19.38 31.76
N ARG D 115 -1.74 -18.44 32.28
CA ARG D 115 -2.31 -17.36 33.06
C ARG D 115 -2.89 -16.24 32.19
N LYS D 116 -2.46 -16.15 30.94
CA LYS D 116 -3.01 -15.17 30.01
C LYS D 116 -4.09 -15.82 29.15
N HIS D 117 -4.76 -14.99 28.34
CA HIS D 117 -5.85 -15.48 27.53
C HIS D 117 -5.32 -16.34 26.38
N PHE D 118 -6.26 -17.03 25.72
CA PHE D 118 -5.89 -18.03 24.73
C PHE D 118 -4.98 -17.43 23.66
N GLY D 119 -3.90 -18.13 23.36
CA GLY D 119 -3.07 -17.81 22.23
C GLY D 119 -1.81 -17.02 22.51
N TYR D 120 -1.54 -16.69 23.76
CA TYR D 120 -0.30 -15.97 24.09
C TYR D 120 0.81 -17.00 24.16
N CYS D 121 1.42 -17.28 23.02
CA CYS D 121 2.30 -18.43 22.86
C CYS D 121 3.63 -17.97 22.29
N ARG D 122 4.71 -18.61 22.72
CA ARG D 122 6.01 -18.21 22.20
C ARG D 122 6.27 -18.74 20.80
N TYR D 123 5.59 -19.82 20.40
CA TYR D 123 5.75 -20.37 19.06
C TYR D 123 4.39 -20.58 18.39
N ARG D 124 4.33 -20.24 17.11
CA ARG D 124 3.15 -20.39 16.28
C ARG D 124 3.59 -20.82 14.90
N THR D 125 2.80 -21.70 14.25
CA THR D 125 2.90 -21.78 12.81
C THR D 125 2.18 -20.58 12.20
N PRO D 126 2.46 -20.25 10.94
CA PRO D 126 1.49 -19.47 10.18
C PRO D 126 0.20 -20.28 10.06
N PRO D 127 -0.93 -19.62 9.86
CA PRO D 127 -2.18 -20.41 9.65
C PRO D 127 -2.15 -21.07 8.29
N PHE D 128 -2.47 -22.37 8.27
CA PHE D 128 -2.62 -23.11 7.03
C PHE D 128 -4.07 -22.97 6.57
N TRP D 129 -4.26 -22.65 5.29
CA TRP D 129 -5.58 -22.34 4.77
C TRP D 129 -5.89 -23.11 3.50
N ASP D 130 -7.16 -23.44 3.34
CA ASP D 130 -7.70 -23.71 2.00
C ASP D 130 -7.78 -22.38 1.27
N SER D 131 -7.13 -22.31 0.11
CA SER D 131 -6.91 -21.03 -0.57
C SER D 131 -8.22 -20.35 -0.95
N PHE D 132 -9.20 -21.15 -1.37
CA PHE D 132 -10.48 -20.57 -1.77
C PHE D 132 -11.19 -19.96 -0.58
N LEU D 133 -11.21 -20.66 0.54
CA LEU D 133 -11.83 -20.11 1.74
C LEU D 133 -11.10 -18.86 2.19
N ALA D 134 -9.75 -18.88 2.14
CA ALA D 134 -8.97 -17.75 2.62
C ALA D 134 -9.24 -16.48 1.81
N GLY D 135 -9.75 -16.62 0.59
CA GLY D 135 -10.04 -15.45 -0.22
C GLY D 135 -11.21 -14.64 0.28
N PHE D 136 -12.10 -15.23 1.09
CA PHE D 136 -13.27 -14.49 1.52
C PHE D 136 -13.61 -14.70 2.99
N ALA D 137 -12.75 -15.38 3.75
CA ALA D 137 -13.01 -15.70 5.13
C ALA D 137 -11.73 -15.57 5.93
N TYR D 138 -11.88 -15.28 7.21
CA TYR D 138 -10.71 -15.11 8.08
C TYR D 138 -11.16 -15.36 9.51
N PRO D 139 -10.21 -15.65 10.42
CA PRO D 139 -10.60 -15.96 11.80
C PRO D 139 -10.99 -14.70 12.54
N THR D 140 -11.89 -14.87 13.50
CA THR D 140 -12.25 -13.78 14.41
C THR D 140 -11.01 -13.31 15.17
N ASP D 141 -11.18 -12.23 15.93
CA ASP D 141 -10.04 -11.66 16.67
C ASP D 141 -9.43 -12.66 17.64
N ASP D 142 -10.27 -13.45 18.32
CA ASP D 142 -9.71 -14.45 19.24
C ASP D 142 -9.25 -15.72 18.53
N GLU D 143 -9.36 -15.79 17.21
CA GLU D 143 -8.84 -16.88 16.38
C GLU D 143 -9.54 -18.21 16.60
N LEU D 144 -10.68 -18.22 17.29
CA LEU D 144 -11.44 -19.45 17.48
C LEU D 144 -12.71 -19.52 16.64
N GLY D 145 -13.13 -18.41 16.02
CA GLY D 145 -14.26 -18.41 15.11
C GLY D 145 -13.83 -18.06 13.69
N LEU D 146 -14.81 -17.99 12.81
CA LEU D 146 -14.57 -17.59 11.44
C LEU D 146 -15.55 -16.52 11.03
N ILE D 147 -15.09 -15.66 10.15
CA ILE D 147 -15.93 -14.66 9.51
C ILE D 147 -15.82 -14.90 8.02
N MET D 148 -16.97 -15.00 7.36
CA MET D 148 -17.06 -15.15 5.91
C MET D 148 -17.70 -13.92 5.32
N ALA D 149 -17.10 -13.37 4.26
CA ALA D 149 -17.58 -12.14 3.62
C ALA D 149 -18.35 -12.53 2.37
N ALA D 150 -19.67 -12.32 2.39
CA ALA D 150 -20.53 -12.58 1.24
C ALA D 150 -20.25 -13.94 0.59
N PRO D 151 -20.30 -15.03 1.35
CA PRO D 151 -20.01 -16.36 0.76
C PRO D 151 -21.01 -16.70 -0.33
N ALA D 152 -20.51 -17.33 -1.38
CA ALA D 152 -21.37 -17.90 -2.40
C ALA D 152 -22.22 -19.03 -1.81
N ARG D 153 -23.31 -19.33 -2.51
CA ARG D 153 -24.22 -20.38 -2.02
C ARG D 153 -23.52 -21.69 -1.79
N LEU D 154 -22.62 -22.08 -2.70
CA LEU D 154 -21.87 -23.32 -2.60
C LEU D 154 -21.13 -23.48 -1.26
N VAL D 155 -21.01 -22.40 -0.49
CA VAL D 155 -20.35 -22.48 0.80
C VAL D 155 -21.22 -23.16 1.85
N GLU D 156 -22.53 -23.21 1.62
CA GLU D 156 -23.47 -23.94 2.48
C GLU D 156 -22.93 -25.31 2.87
N GLY D 157 -23.17 -25.68 4.12
CA GLY D 157 -22.89 -27.04 4.53
C GLY D 157 -22.52 -27.09 6.00
N GLN D 158 -21.67 -28.05 6.33
CA GLN D 158 -21.38 -28.41 7.70
C GLN D 158 -19.92 -28.11 7.99
N TYR D 159 -19.68 -27.21 8.94
CA TYR D 159 -18.33 -26.76 9.28
C TYR D 159 -17.99 -27.24 10.68
N ARG D 160 -16.94 -28.04 10.79
CA ARG D 160 -16.55 -28.61 12.06
C ARG D 160 -15.27 -27.97 12.52
N ARG D 161 -15.28 -27.44 13.73
CA ARG D 161 -14.11 -26.90 14.38
C ARG D 161 -13.60 -27.93 15.38
N ALA D 162 -12.33 -28.27 15.26
CA ALA D 162 -11.66 -29.10 16.25
C ALA D 162 -10.73 -28.17 17.04
N LEU D 163 -10.97 -28.06 18.34
CA LEU D 163 -10.12 -27.30 19.25
C LEU D 163 -9.36 -28.30 20.12
N TYR D 164 -8.03 -28.31 19.98
CA TYR D 164 -7.16 -29.15 20.78
C TYR D 164 -6.48 -28.30 21.84
N ILE D 165 -6.53 -28.77 23.09
CA ILE D 165 -5.72 -28.19 24.15
C ILE D 165 -4.98 -29.32 24.86
N ASP D 166 -3.65 -29.22 24.90
CA ASP D 166 -2.80 -30.24 25.51
C ASP D 166 -3.13 -31.61 24.96
N GLY D 167 -3.52 -31.66 23.69
CA GLY D 167 -3.76 -32.89 22.98
C GLY D 167 -5.17 -33.42 23.02
N THR D 168 -6.07 -32.82 23.81
CA THR D 168 -7.44 -33.31 23.92
C THR D 168 -8.39 -32.40 23.17
N VAL D 169 -9.36 -33.00 22.47
CA VAL D 169 -10.11 -32.36 21.40
C VAL D 169 -11.53 -32.04 21.89
N ALA D 170 -12.05 -30.89 21.42
CA ALA D 170 -13.47 -30.58 21.56
C ALA D 170 -13.98 -30.12 20.20
N TYR D 171 -15.11 -30.66 19.77
CA TYR D 171 -15.67 -30.41 18.45
C TYR D 171 -16.85 -29.47 18.52
N THR D 172 -17.01 -28.66 17.48
CA THR D 172 -18.20 -27.83 17.32
C THR D 172 -18.58 -27.84 15.84
N ASP D 173 -19.85 -28.14 15.55
CA ASP D 173 -20.35 -28.08 14.18
C ASP D 173 -21.13 -26.79 13.96
N PHE D 174 -20.95 -26.20 12.78
CA PHE D 174 -21.75 -25.06 12.35
C PHE D 174 -22.45 -25.46 11.06
N MET D 175 -23.78 -25.41 11.07
CA MET D 175 -24.58 -25.65 9.87
C MET D 175 -24.81 -24.30 9.20
N VAL D 176 -24.09 -24.07 8.10
CA VAL D 176 -24.19 -22.82 7.36
C VAL D 176 -25.24 -22.97 6.27
N SER D 177 -26.28 -22.14 6.34
CA SER D 177 -27.31 -22.11 5.32
C SER D 177 -27.40 -20.71 4.77
N LEU D 178 -27.36 -20.58 3.44
CA LEU D 178 -27.35 -19.29 2.76
C LEU D 178 -28.52 -19.19 1.79
N PRO D 179 -29.75 -19.05 2.30
CA PRO D 179 -30.89 -19.04 1.37
C PRO D 179 -30.93 -17.84 0.44
N ALA D 180 -30.32 -16.70 0.82
CA ALA D 180 -30.33 -15.52 -0.03
C ALA D 180 -29.54 -15.70 -1.32
N GLY D 181 -28.72 -16.74 -1.43
CA GLY D 181 -28.01 -17.04 -2.66
C GLY D 181 -26.66 -16.35 -2.77
N ASP D 182 -26.10 -16.40 -3.99
CA ASP D 182 -24.86 -15.73 -4.29
C ASP D 182 -25.03 -14.22 -4.18
N CYS D 183 -24.09 -13.59 -3.51
CA CYS D 183 -23.89 -12.15 -3.67
C CYS D 183 -23.29 -11.89 -5.05
N TRP D 184 -23.55 -10.69 -5.59
CA TRP D 184 -23.09 -10.43 -6.96
C TRP D 184 -21.57 -10.46 -7.06
N PHE D 185 -20.86 -10.14 -5.98
CA PHE D 185 -19.41 -10.19 -6.02
C PHE D 185 -18.83 -11.39 -5.27
N SER D 186 -19.65 -12.33 -4.80
CA SER D 186 -19.15 -13.53 -4.15
C SER D 186 -18.06 -14.19 -4.98
N LYS D 187 -17.03 -14.68 -4.30
CA LYS D 187 -15.97 -15.40 -4.98
C LYS D 187 -16.44 -16.82 -5.29
N LEU D 188 -16.41 -17.17 -6.57
CA LEU D 188 -16.86 -18.46 -7.06
C LEU D 188 -15.68 -19.35 -7.44
N GLY D 189 -14.48 -18.99 -7.05
CA GLY D 189 -13.33 -19.81 -7.32
C GLY D 189 -12.83 -19.67 -8.74
N ALA D 190 -11.89 -20.54 -9.08
CA ALA D 190 -11.33 -20.58 -10.42
C ALA D 190 -12.19 -21.47 -11.32
N ALA D 191 -11.69 -21.79 -12.49
CA ALA D 191 -12.38 -22.70 -13.38
C ALA D 191 -12.11 -24.15 -12.92
N ARG D 192 -13.00 -25.12 -13.15
CA ARG D 192 -14.18 -25.01 -14.03
C ARG D 192 -15.17 -24.01 -13.42
N GLY D 193 -15.53 -24.16 -12.14
CA GLY D 193 -15.45 -25.40 -11.39
C GLY D 193 -14.53 -25.77 -10.25
N TYR D 194 -13.42 -25.07 -10.03
CA TYR D 194 -12.55 -25.43 -8.91
C TYR D 194 -12.79 -24.46 -7.75
N THR D 195 -13.13 -25.00 -6.60
CA THR D 195 -13.51 -24.16 -5.48
C THR D 195 -12.82 -24.48 -4.15
N PHE D 196 -13.29 -25.46 -3.38
CA PHE D 196 -12.54 -25.94 -2.22
C PHE D 196 -11.49 -26.97 -2.62
N GLY D 197 -10.54 -27.20 -1.71
CA GLY D 197 -9.64 -28.34 -1.85
C GLY D 197 -10.34 -29.68 -1.81
N ALA D 198 -9.58 -30.76 -1.95
CA ALA D 198 -10.13 -32.11 -2.08
C ALA D 198 -10.83 -32.56 -0.81
N CYS D 199 -11.94 -33.29 -1.00
CA CYS D 199 -12.66 -33.94 0.10
C CYS D 199 -12.07 -35.34 0.29
N PHE D 200 -11.40 -35.57 1.45
CA PHE D 200 -10.70 -36.81 1.74
C PHE D 200 -11.57 -37.75 2.59
N PRO D 201 -11.57 -39.04 2.27
CA PRO D 201 -12.27 -40.01 3.13
C PRO D 201 -11.54 -40.22 4.45
N ALA D 202 -12.31 -40.63 5.46
CA ALA D 202 -11.81 -40.90 6.80
C ALA D 202 -10.52 -41.71 6.80
N ARG D 203 -10.44 -42.76 5.97
CA ARG D 203 -9.24 -43.59 5.96
C ARG D 203 -8.02 -42.78 5.56
N ASP D 204 -8.17 -41.84 4.62
CA ASP D 204 -7.04 -41.00 4.22
C ASP D 204 -6.47 -40.24 5.42
N TYR D 205 -7.34 -39.65 6.24
CA TYR D 205 -6.86 -39.01 7.45
C TYR D 205 -6.19 -40.01 8.37
N GLU D 206 -6.83 -41.19 8.55
CA GLU D 206 -6.33 -42.19 9.50
C GLU D 206 -4.98 -42.71 9.07
N GLN D 207 -4.76 -42.85 7.76
CA GLN D 207 -3.52 -43.28 7.15
C GLN D 207 -2.43 -42.20 7.14
N LYS D 208 -2.68 -41.04 7.74
CA LYS D 208 -1.67 -39.97 7.85
C LYS D 208 -1.29 -39.39 6.48
N LYS D 209 -2.22 -39.36 5.53
CA LYS D 209 -1.89 -38.90 4.20
C LYS D 209 -2.17 -37.41 3.99
N VAL D 210 -3.01 -36.83 4.84
CA VAL D 210 -3.53 -35.47 4.59
C VAL D 210 -2.55 -34.52 5.28
N LEU D 211 -1.40 -34.33 4.63
CA LEU D 211 -0.31 -33.56 5.20
C LEU D 211 -0.56 -32.08 4.92
N ARG D 212 -0.46 -31.26 5.97
CA ARG D 212 -0.93 -29.89 5.87
C ARG D 212 -0.11 -29.06 4.88
N LEU D 213 1.21 -29.21 4.87
CA LEU D 213 2.03 -28.44 3.93
C LEU D 213 1.75 -28.85 2.48
N THR D 214 1.29 -30.10 2.27
CA THR D 214 0.99 -30.56 0.93
C THR D 214 -0.33 -30.01 0.39
N TYR D 215 -1.36 -29.95 1.23
CA TYR D 215 -2.70 -29.64 0.75
C TYR D 215 -3.24 -28.29 1.21
N LEU D 216 -2.56 -27.58 2.10
CA LEU D 216 -3.01 -26.25 2.48
C LEU D 216 -1.91 -25.22 2.26
N THR D 217 -2.28 -23.96 2.41
CA THR D 217 -1.39 -22.82 2.12
C THR D 217 -1.12 -22.04 3.39
N GLN D 218 0.15 -21.93 3.76
CA GLN D 218 0.57 -21.01 4.80
C GLN D 218 0.26 -19.58 4.38
N TYR D 219 -0.36 -18.81 5.27
CA TYR D 219 -0.94 -17.53 4.85
C TYR D 219 -0.70 -16.49 5.95
N TYR D 220 -1.36 -15.34 5.80
CA TYR D 220 -1.12 -14.21 6.67
C TYR D 220 -1.79 -14.44 8.02
N PRO D 221 -1.22 -13.90 9.10
CA PRO D 221 -1.89 -14.00 10.41
C PRO D 221 -3.20 -13.22 10.44
N GLN D 222 -3.97 -13.49 11.49
CA GLN D 222 -5.37 -13.07 11.56
C GLN D 222 -5.57 -11.58 11.25
N GLU D 223 -4.78 -10.70 11.89
CA GLU D 223 -5.02 -9.27 11.71
C GLU D 223 -4.76 -8.84 10.26
N ALA D 224 -3.70 -9.39 9.64
CA ALA D 224 -3.41 -9.07 8.25
C ALA D 224 -4.43 -9.71 7.30
N HIS D 225 -4.89 -10.92 7.64
CA HIS D 225 -5.85 -11.61 6.79
C HIS D 225 -7.19 -10.90 6.80
N LYS D 226 -7.68 -10.54 7.98
CA LYS D 226 -8.81 -9.62 8.12
C LYS D 226 -8.68 -8.41 7.20
N ALA D 227 -7.50 -7.77 7.18
CA ALA D 227 -7.36 -6.52 6.42
C ALA D 227 -7.49 -6.76 4.92
N ILE D 228 -6.93 -7.86 4.42
CA ILE D 228 -7.12 -8.19 3.02
C ILE D 228 -8.60 -8.42 2.70
N VAL D 229 -9.28 -9.23 3.50
CA VAL D 229 -10.66 -9.57 3.17
C VAL D 229 -11.57 -8.36 3.37
N ASP D 230 -11.37 -7.63 4.48
CA ASP D 230 -12.17 -6.43 4.70
C ASP D 230 -11.99 -5.40 3.58
N TYR D 231 -10.76 -5.23 3.10
CA TYR D 231 -10.49 -4.29 2.01
C TYR D 231 -11.26 -4.68 0.76
N TRP D 232 -11.17 -5.95 0.38
CA TRP D 232 -11.90 -6.46 -0.78
C TRP D 232 -13.40 -6.34 -0.57
N PHE D 233 -13.86 -6.60 0.64
CA PHE D 233 -15.29 -6.53 0.94
C PHE D 233 -15.78 -5.09 0.88
N MET D 234 -15.09 -4.19 1.58
CA MET D 234 -15.46 -2.78 1.56
C MET D 234 -15.38 -2.18 0.15
N ARG D 235 -14.43 -2.65 -0.67
CA ARG D 235 -14.34 -2.13 -2.04
C ARG D 235 -15.56 -2.47 -2.86
N HIS D 236 -16.33 -3.49 -2.46
CA HIS D 236 -17.55 -3.88 -3.15
C HIS D 236 -18.80 -3.42 -2.40
N GLY D 237 -18.66 -2.48 -1.47
CA GLY D 237 -19.78 -1.91 -0.78
C GLY D 237 -20.11 -2.52 0.57
N GLY D 238 -19.51 -3.66 0.92
CA GLY D 238 -19.84 -4.29 2.18
C GLY D 238 -19.42 -3.44 3.36
N VAL D 239 -20.23 -3.47 4.42
CA VAL D 239 -19.89 -2.82 5.68
C VAL D 239 -19.58 -3.91 6.68
N VAL D 240 -18.48 -3.76 7.41
CA VAL D 240 -17.99 -4.77 8.34
C VAL D 240 -18.61 -4.50 9.70
N PRO D 241 -19.48 -5.36 10.20
CA PRO D 241 -20.04 -5.17 11.55
C PRO D 241 -18.94 -5.11 12.58
N PRO D 242 -19.07 -4.23 13.58
CA PRO D 242 -18.02 -4.15 14.60
C PRO D 242 -17.99 -5.38 15.50
N TYR D 243 -19.12 -6.03 15.69
CA TYR D 243 -19.25 -7.16 16.61
C TYR D 243 -20.18 -8.18 15.98
N PHE D 244 -19.91 -9.46 16.24
CA PHE D 244 -20.79 -10.55 15.84
C PHE D 244 -21.23 -11.30 17.09
N GLU D 245 -22.49 -11.64 17.15
CA GLU D 245 -22.95 -12.41 18.30
C GLU D 245 -22.70 -13.90 18.07
N GLU D 246 -22.68 -14.63 19.19
CA GLU D 246 -22.57 -16.08 19.20
C GLU D 246 -23.54 -16.71 18.20
N SER D 247 -23.05 -17.68 17.44
CA SER D 247 -23.97 -18.47 16.61
C SER D 247 -24.98 -19.19 17.49
N LYS D 248 -26.24 -19.19 17.08
CA LYS D 248 -27.28 -19.78 17.91
C LYS D 248 -27.28 -21.29 17.82
N GLY D 249 -27.85 -21.91 18.85
CA GLY D 249 -28.12 -23.33 18.87
C GLY D 249 -29.44 -23.64 18.21
N TYR D 250 -29.88 -24.89 18.39
CA TYR D 250 -31.08 -25.37 17.72
C TYR D 250 -32.30 -24.53 18.07
N GLU D 251 -33.14 -24.29 17.08
CA GLU D 251 -34.41 -23.60 17.25
C GLU D 251 -35.49 -24.37 16.51
N PRO D 252 -36.67 -24.50 17.08
CA PRO D 252 -37.73 -25.32 16.47
C PRO D 252 -38.18 -24.83 15.10
N PRO D 253 -38.62 -23.54 14.95
CA PRO D 253 -39.39 -23.08 13.78
C PRO D 253 -39.46 -23.97 12.54
#